data_1H4H
#
_entry.id   1H4H
#
_cell.length_a   74.344
_cell.length_b   78.895
_cell.length_c   76.273
_cell.angle_alpha   90.00
_cell.angle_beta   91.93
_cell.angle_gamma   90.00
#
_symmetry.space_group_name_H-M   'P 1 21 1'
#
loop_
_entity.id
_entity.type
_entity.pdbx_description
1 polymer XYLANASE
2 branched beta-D-xylopyranose-(1-4)-beta-D-xylopyranose-(1-4)-alpha-D-xylopyranose
3 water water
#
_entity_poly.entity_id   1
_entity_poly.type   'polypeptide(L)'
_entity_poly.pdbx_seq_one_letter_code
;(PCA)IVTDNSIGNHDGYDYEFWKDSGGSGTMILNHGGTFSAQWNNVNNILFRKGKKFNETQTHQQVGNMSINYGANFQP
NGNAYLCVYGWTVDPLVAYYIVDSWGNWRPPGATPKGTITVDGGTYDIYETLRVNQPSIKGIATFKQYWSVRRSKRTSGT
ISVSNHFRAWENLGMNMGKMYEVALTVEGYQSSGSANVYSNTLRINGNPLSTI
;
_entity_poly.pdbx_strand_id   A,B,C,D
#
# COMPACT_ATOMS: atom_id res chain seq x y z
N ILE A 2 -29.09 13.03 22.00
CA ILE A 2 -28.07 13.90 21.28
C ILE A 2 -26.74 13.18 21.26
N VAL A 3 -26.18 12.95 20.03
CA VAL A 3 -24.90 12.27 19.88
C VAL A 3 -23.96 13.16 19.06
N THR A 4 -22.76 13.44 19.57
CA THR A 4 -21.81 14.31 18.84
C THR A 4 -20.42 13.78 18.73
N ASP A 5 -20.19 12.50 18.98
CA ASP A 5 -18.92 11.81 18.73
C ASP A 5 -19.20 10.31 18.53
N ASN A 6 -18.20 9.54 18.15
CA ASN A 6 -18.28 8.15 17.79
C ASN A 6 -19.06 7.33 18.83
N SER A 7 -20.06 6.60 18.38
CA SER A 7 -20.90 5.91 19.35
C SER A 7 -21.72 4.88 18.59
N ILE A 8 -21.83 3.73 19.29
CA ILE A 8 -22.62 2.62 18.70
C ILE A 8 -23.54 2.13 19.83
N GLY A 9 -24.84 2.08 19.58
CA GLY A 9 -25.67 1.48 20.64
C GLY A 9 -26.95 1.04 19.97
N ASN A 10 -27.96 0.86 20.79
CA ASN A 10 -29.33 0.57 20.40
C ASN A 10 -30.31 1.58 20.99
N HIS A 11 -31.17 2.12 20.10
CA HIS A 11 -32.11 3.13 20.56
C HIS A 11 -33.51 2.87 19.99
N ASP A 12 -34.45 2.62 20.91
CA ASP A 12 -35.85 2.35 20.53
C ASP A 12 -35.90 1.16 19.61
N GLY A 13 -35.11 0.11 19.79
CA GLY A 13 -35.15 -1.09 18.96
C GLY A 13 -34.15 -1.11 17.80
N TYR A 14 -33.67 0.11 17.47
CA TYR A 14 -32.78 0.16 16.31
C TYR A 14 -31.32 0.33 16.72
N ASP A 15 -30.43 -0.32 15.94
CA ASP A 15 -29.00 -0.17 16.17
C ASP A 15 -28.47 1.11 15.54
N TYR A 16 -28.03 2.11 16.30
CA TYR A 16 -27.70 3.39 15.70
C TYR A 16 -26.20 3.50 15.73
N GLU A 17 -25.67 4.35 14.78
CA GLU A 17 -24.19 4.48 14.90
C GLU A 17 -23.82 5.91 14.42
N PHE A 18 -23.01 6.60 15.20
CA PHE A 18 -22.47 7.89 14.70
C PHE A 18 -21.00 7.61 14.47
N TRP A 19 -20.42 7.96 13.33
CA TRP A 19 -19.00 7.72 13.07
C TRP A 19 -18.43 8.90 12.28
N LYS A 20 -17.30 9.48 12.74
CA LYS A 20 -16.68 10.48 11.83
C LYS A 20 -15.16 10.33 11.96
N ASP A 21 -14.34 10.77 11.03
CA ASP A 21 -12.90 10.82 11.30
C ASP A 21 -12.63 12.20 11.91
N SER A 22 -11.35 12.60 12.03
CA SER A 22 -11.15 13.92 12.66
C SER A 22 -11.46 15.07 11.73
N GLY A 23 -11.84 16.20 12.29
CA GLY A 23 -12.22 17.41 11.58
C GLY A 23 -13.68 17.82 11.56
N GLY A 24 -14.03 19.10 11.76
CA GLY A 24 -15.40 19.54 11.60
C GLY A 24 -16.25 18.93 12.74
N SER A 25 -17.56 19.02 12.57
CA SER A 25 -18.37 18.44 13.69
C SER A 25 -19.64 17.86 13.13
N GLY A 26 -20.33 17.07 13.98
CA GLY A 26 -21.61 16.57 13.55
C GLY A 26 -22.48 16.43 14.85
N THR A 27 -23.76 16.39 14.59
CA THR A 27 -24.79 16.13 15.56
C THR A 27 -25.83 15.19 14.94
N MET A 28 -26.14 14.16 15.74
CA MET A 28 -27.18 13.19 15.42
C MET A 28 -28.18 13.20 16.56
N ILE A 29 -29.45 13.27 16.26
CA ILE A 29 -30.48 13.23 17.34
C ILE A 29 -31.29 11.95 17.13
N LEU A 30 -31.35 11.07 18.10
CA LEU A 30 -32.03 9.80 18.03
C LEU A 30 -33.54 9.99 18.27
N ASN A 31 -34.36 9.83 17.23
CA ASN A 31 -35.83 9.96 17.41
C ASN A 31 -36.48 8.58 17.45
N HIS A 32 -37.80 8.48 17.54
CA HIS A 32 -38.57 7.28 17.73
C HIS A 32 -38.30 6.21 16.66
N GLY A 33 -38.20 4.96 17.04
CA GLY A 33 -37.98 3.89 16.11
C GLY A 33 -36.66 4.12 15.29
N GLY A 34 -36.76 3.97 13.99
CA GLY A 34 -35.58 4.08 13.10
C GLY A 34 -35.30 5.54 12.79
N THR A 35 -36.02 6.52 13.34
CA THR A 35 -35.84 7.88 12.92
C THR A 35 -34.74 8.66 13.65
N PHE A 36 -34.18 9.67 12.95
CA PHE A 36 -33.07 10.42 13.50
C PHE A 36 -32.82 11.63 12.60
N SER A 37 -32.11 12.61 13.15
CA SER A 37 -31.73 13.78 12.36
C SER A 37 -30.22 13.85 12.44
N ALA A 38 -29.67 14.54 11.43
CA ALA A 38 -28.23 14.66 11.34
C ALA A 38 -27.91 16.08 10.85
N GLN A 39 -26.78 16.56 11.39
CA GLN A 39 -26.28 17.87 10.94
C GLN A 39 -24.77 17.75 10.94
N TRP A 40 -24.12 18.25 9.89
CA TRP A 40 -22.66 18.10 9.88
C TRP A 40 -21.99 19.38 9.35
N ASN A 41 -20.75 19.60 9.71
CA ASN A 41 -20.08 20.86 9.32
C ASN A 41 -18.58 20.64 9.08
N ASN A 42 -18.15 20.92 7.89
CA ASN A 42 -16.72 20.88 7.53
C ASN A 42 -16.08 19.58 7.86
N VAL A 43 -16.78 18.46 7.53
CA VAL A 43 -16.20 17.21 7.93
C VAL A 43 -15.31 16.73 6.82
N ASN A 44 -14.52 15.72 7.22
CA ASN A 44 -13.83 14.93 6.20
C ASN A 44 -14.76 13.76 5.80
N ASN A 45 -15.10 12.88 6.76
CA ASN A 45 -16.04 11.79 6.45
C ASN A 45 -16.95 11.54 7.69
N ILE A 46 -18.24 11.61 7.50
CA ILE A 46 -19.17 11.37 8.61
C ILE A 46 -20.32 10.48 8.11
N LEU A 47 -20.75 9.59 9.01
CA LEU A 47 -21.86 8.70 8.69
C LEU A 47 -22.89 8.62 9.81
N PHE A 48 -24.17 8.73 9.64
CA PHE A 48 -25.18 8.63 10.69
C PHE A 48 -26.19 7.54 10.18
N ARG A 49 -26.58 6.61 11.03
CA ARG A 49 -27.46 5.52 10.59
C ARG A 49 -28.21 4.85 11.76
N LYS A 50 -29.33 4.28 11.41
CA LYS A 50 -30.18 3.43 12.24
C LYS A 50 -30.66 2.20 11.44
N GLY A 51 -30.41 1.00 11.95
CA GLY A 51 -30.87 -0.24 11.28
C GLY A 51 -30.63 -1.44 12.19
N LYS A 52 -30.03 -2.50 11.68
CA LYS A 52 -29.69 -3.65 12.47
C LYS A 52 -28.30 -4.17 12.27
N LYS A 53 -27.59 -4.44 13.39
CA LYS A 53 -26.31 -5.06 13.46
C LYS A 53 -26.50 -6.58 13.71
N PHE A 54 -25.73 -7.44 13.11
CA PHE A 54 -25.94 -8.88 13.12
C PHE A 54 -24.69 -9.48 13.74
N ASN A 55 -24.76 -10.75 14.07
CA ASN A 55 -23.57 -11.28 14.74
C ASN A 55 -22.62 -12.01 13.85
N GLU A 56 -22.59 -11.72 12.53
CA GLU A 56 -21.56 -12.27 11.65
C GLU A 56 -21.63 -13.77 11.49
N THR A 57 -22.82 -14.35 11.51
CA THR A 57 -22.89 -15.82 11.35
C THR A 57 -23.71 -16.23 10.14
N GLN A 58 -24.55 -15.33 9.63
CA GLN A 58 -25.55 -15.61 8.58
C GLN A 58 -25.28 -14.88 7.24
N THR A 59 -25.36 -15.59 6.11
CA THR A 59 -25.48 -14.92 4.80
C THR A 59 -26.76 -14.11 4.81
N HIS A 60 -26.92 -13.18 3.84
CA HIS A 60 -28.18 -12.43 3.69
C HIS A 60 -29.32 -13.38 3.42
N GLN A 61 -29.07 -14.46 2.62
CA GLN A 61 -30.09 -15.46 2.40
C GLN A 61 -30.55 -16.09 3.74
N GLN A 62 -29.63 -16.43 4.63
CA GLN A 62 -30.02 -16.97 5.95
C GLN A 62 -30.75 -15.95 6.81
N VAL A 63 -30.38 -14.65 6.74
CA VAL A 63 -31.11 -13.67 7.54
C VAL A 63 -32.55 -13.61 7.05
N GLY A 64 -32.72 -13.59 5.72
CA GLY A 64 -34.09 -13.47 5.15
C GLY A 64 -34.29 -12.21 4.33
N ASN A 65 -35.49 -12.02 3.79
CA ASN A 65 -35.85 -10.88 2.99
C ASN A 65 -35.67 -9.58 3.78
N MET A 66 -34.81 -8.66 3.28
CA MET A 66 -34.65 -7.38 4.00
C MET A 66 -35.30 -6.28 3.16
N SER A 67 -36.09 -5.44 3.82
CA SER A 67 -36.77 -4.36 3.11
C SER A 67 -36.91 -3.14 4.02
N ILE A 68 -36.65 -1.94 3.47
CA ILE A 68 -36.69 -0.76 4.31
C ILE A 68 -37.65 0.30 3.77
N ASN A 69 -38.61 0.70 4.62
CA ASN A 69 -39.49 1.80 4.26
C ASN A 69 -38.93 3.14 4.71
N TYR A 70 -38.62 4.21 3.96
CA TYR A 70 -38.04 5.35 4.61
C TYR A 70 -38.60 6.64 4.03
N GLY A 71 -38.26 7.76 4.64
CA GLY A 71 -38.66 9.12 4.24
C GLY A 71 -37.59 10.07 4.86
N ALA A 72 -36.97 10.91 4.09
CA ALA A 72 -35.97 11.85 4.53
C ALA A 72 -36.05 13.24 3.92
N ASN A 73 -35.86 14.24 4.78
CA ASN A 73 -35.76 15.56 4.28
C ASN A 73 -34.30 15.84 4.11
N PHE A 74 -33.73 15.73 2.93
CA PHE A 74 -32.27 15.66 2.75
C PHE A 74 -31.68 16.92 2.24
N GLN A 75 -30.86 17.66 2.93
CA GLN A 75 -30.38 18.95 2.49
C GLN A 75 -28.88 19.10 2.60
N PRO A 76 -28.16 18.30 1.85
CA PRO A 76 -26.72 18.40 1.78
C PRO A 76 -26.30 19.77 1.17
N ASN A 77 -25.16 20.25 1.63
CA ASN A 77 -24.57 21.49 1.10
C ASN A 77 -23.35 21.19 0.21
N GLY A 78 -23.13 20.00 -0.16
CA GLY A 78 -22.00 19.54 -0.93
C GLY A 78 -22.16 18.00 -1.02
N ASN A 79 -21.07 17.28 -1.06
CA ASN A 79 -21.12 15.84 -1.30
C ASN A 79 -21.68 15.02 -0.09
N ALA A 80 -22.66 14.25 -0.42
CA ALA A 80 -23.32 13.48 0.69
C ALA A 80 -24.23 12.46 0.05
N TYR A 81 -24.55 11.35 0.76
CA TYR A 81 -25.34 10.29 0.17
C TYR A 81 -26.51 9.93 1.10
N LEU A 82 -27.70 9.76 0.58
CA LEU A 82 -28.83 9.23 1.30
C LEU A 82 -29.05 7.79 0.89
N CYS A 83 -28.79 6.83 1.70
CA CYS A 83 -28.70 5.45 1.24
C CYS A 83 -28.99 4.39 2.27
N VAL A 84 -28.94 3.15 1.88
CA VAL A 84 -28.98 1.97 2.72
C VAL A 84 -27.50 1.55 2.64
N TYR A 85 -26.89 1.34 3.73
CA TYR A 85 -25.49 0.97 3.83
C TYR A 85 -25.26 -0.15 4.81
N GLY A 86 -24.14 -0.83 4.60
CA GLY A 86 -23.90 -1.83 5.68
C GLY A 86 -22.69 -2.59 5.32
N TRP A 87 -22.47 -3.74 6.00
CA TRP A 87 -21.24 -4.52 5.89
C TRP A 87 -21.52 -6.03 5.78
N THR A 88 -20.65 -6.78 5.15
CA THR A 88 -20.55 -8.22 5.40
C THR A 88 -19.10 -8.50 5.84
N VAL A 89 -18.83 -9.66 6.43
CA VAL A 89 -17.49 -10.05 6.75
C VAL A 89 -17.26 -11.45 6.14
N ASP A 90 -16.03 -11.66 5.75
CA ASP A 90 -15.52 -12.90 5.17
C ASP A 90 -16.34 -13.28 3.96
N PRO A 91 -16.24 -12.49 2.89
CA PRO A 91 -15.32 -11.39 2.82
C PRO A 91 -15.84 -10.05 3.33
N LEU A 92 -14.86 -9.24 3.65
CA LEU A 92 -15.18 -7.91 4.22
C LEU A 92 -15.59 -6.95 3.10
N VAL A 93 -16.82 -6.47 3.17
CA VAL A 93 -17.41 -5.64 2.12
C VAL A 93 -18.30 -4.55 2.70
N ALA A 94 -18.14 -3.32 2.18
CA ALA A 94 -19.06 -2.25 2.63
C ALA A 94 -20.03 -2.08 1.43
N TYR A 95 -21.31 -1.81 1.65
CA TYR A 95 -22.18 -1.69 0.46
C TYR A 95 -23.08 -0.45 0.60
N TYR A 96 -23.63 -0.03 -0.54
CA TYR A 96 -24.38 1.21 -0.62
C TYR A 96 -25.48 1.05 -1.67
N ILE A 97 -26.69 1.42 -1.22
CA ILE A 97 -27.84 1.47 -2.13
C ILE A 97 -28.25 2.94 -2.10
N VAL A 98 -27.80 3.72 -3.09
CA VAL A 98 -27.96 5.18 -3.00
C VAL A 98 -29.18 5.70 -3.70
N ASP A 99 -30.07 6.35 -2.95
CA ASP A 99 -31.27 6.95 -3.50
C ASP A 99 -31.16 8.43 -3.82
N SER A 100 -30.33 9.16 -3.07
CA SER A 100 -30.13 10.57 -3.39
C SER A 100 -28.70 10.99 -3.02
N TRP A 101 -28.29 12.16 -3.47
CA TRP A 101 -26.91 12.59 -3.30
C TRP A 101 -26.90 14.11 -3.41
N GLY A 102 -25.71 14.68 -3.22
CA GLY A 102 -25.65 16.16 -3.27
C GLY A 102 -25.35 16.55 -4.72
N ASN A 103 -24.16 17.13 -4.83
CA ASN A 103 -23.71 17.64 -6.11
C ASN A 103 -23.05 16.63 -7.02
N TRP A 104 -22.66 15.49 -6.52
CA TRP A 104 -21.93 14.50 -7.31
C TRP A 104 -22.52 13.09 -7.11
N ARG A 105 -22.92 12.52 -8.22
CA ARG A 105 -23.46 11.19 -8.19
C ARG A 105 -22.33 10.18 -8.07
N PRO A 106 -22.32 9.41 -7.00
CA PRO A 106 -21.28 8.41 -6.81
C PRO A 106 -21.48 7.15 -7.64
N PRO A 107 -20.45 6.34 -7.68
CA PRO A 107 -19.18 6.55 -7.02
C PRO A 107 -18.00 6.86 -7.92
N GLY A 108 -18.24 7.29 -9.14
CA GLY A 108 -17.25 7.67 -10.13
C GLY A 108 -16.61 6.49 -10.89
N ALA A 109 -17.13 5.28 -10.87
CA ALA A 109 -16.50 4.16 -11.54
C ALA A 109 -17.27 3.78 -12.79
N THR A 110 -16.91 2.74 -13.47
CA THR A 110 -17.63 2.27 -14.67
C THR A 110 -18.72 1.26 -14.25
N PRO A 111 -19.94 1.42 -14.69
CA PRO A 111 -21.00 0.50 -14.32
C PRO A 111 -20.70 -0.92 -14.73
N LYS A 112 -21.10 -1.85 -13.91
CA LYS A 112 -20.96 -3.28 -14.19
C LYS A 112 -22.29 -3.85 -14.60
N GLY A 113 -23.37 -3.13 -14.32
CA GLY A 113 -24.69 -3.61 -14.68
C GLY A 113 -25.78 -2.65 -14.20
N THR A 114 -27.04 -3.14 -14.21
CA THR A 114 -28.15 -2.35 -13.71
C THR A 114 -29.16 -3.26 -13.01
N ILE A 115 -29.88 -2.63 -12.08
CA ILE A 115 -31.07 -3.30 -11.63
C ILE A 115 -32.19 -2.29 -11.52
N THR A 116 -33.31 -2.68 -12.09
CA THR A 116 -34.57 -1.92 -12.17
C THR A 116 -35.45 -2.48 -11.04
N VAL A 117 -35.68 -1.67 -10.02
CA VAL A 117 -36.42 -2.16 -8.84
C VAL A 117 -37.01 -0.96 -8.10
N ASP A 118 -38.06 -1.17 -7.29
CA ASP A 118 -38.67 -0.07 -6.55
C ASP A 118 -38.96 1.19 -7.37
N GLY A 119 -39.48 1.07 -8.59
CA GLY A 119 -39.82 2.23 -9.40
C GLY A 119 -38.62 2.88 -10.07
N GLY A 120 -37.37 2.48 -9.90
CA GLY A 120 -36.28 3.18 -10.55
C GLY A 120 -35.30 2.25 -11.21
N THR A 121 -34.24 2.85 -11.74
CA THR A 121 -33.16 2.06 -12.33
C THR A 121 -31.86 2.47 -11.63
N TYR A 122 -31.10 1.50 -11.23
CA TYR A 122 -29.86 1.72 -10.54
C TYR A 122 -28.69 1.14 -11.35
N ASP A 123 -27.61 1.92 -11.39
CA ASP A 123 -26.34 1.49 -11.97
C ASP A 123 -25.58 0.75 -10.86
N ILE A 124 -24.93 -0.32 -11.16
CA ILE A 124 -24.22 -1.13 -10.20
C ILE A 124 -22.71 -1.01 -10.40
N TYR A 125 -22.05 -0.76 -9.26
CA TYR A 125 -20.60 -0.50 -9.39
C TYR A 125 -19.85 -1.27 -8.32
N GLU A 126 -18.54 -1.42 -8.57
CA GLU A 126 -17.74 -2.05 -7.52
C GLU A 126 -16.48 -1.24 -7.32
N THR A 127 -16.16 -0.82 -6.11
CA THR A 127 -14.92 -0.01 -5.99
C THR A 127 -14.04 -0.64 -4.90
N LEU A 128 -12.85 -0.12 -4.73
CA LEU A 128 -11.89 -0.67 -3.79
C LEU A 128 -11.26 0.35 -2.91
N ARG A 129 -11.27 0.07 -1.60
CA ARG A 129 -10.75 0.88 -0.56
C ARG A 129 -9.47 0.20 -0.02
N VAL A 130 -8.37 0.96 -0.07
CA VAL A 130 -7.07 0.44 0.33
C VAL A 130 -6.58 1.04 1.64
N ASN A 131 -6.40 0.23 2.67
CA ASN A 131 -5.96 0.66 3.98
C ASN A 131 -6.77 1.84 4.46
N GLN A 132 -8.09 1.67 4.59
CA GLN A 132 -8.90 2.80 5.01
C GLN A 132 -9.57 2.25 6.30
N PRO A 133 -10.21 3.13 7.03
CA PRO A 133 -11.00 2.76 8.18
C PRO A 133 -12.10 1.82 7.80
N SER A 134 -12.44 0.91 8.69
CA SER A 134 -13.51 -0.06 8.37
C SER A 134 -14.04 -0.51 9.70
N ILE A 135 -14.99 -1.45 9.72
CA ILE A 135 -15.51 -2.02 10.98
C ILE A 135 -14.51 -2.99 11.59
N LYS A 136 -13.45 -3.32 10.92
CA LYS A 136 -12.41 -4.21 11.44
C LYS A 136 -11.12 -3.41 11.49
N GLY A 137 -11.13 -2.08 11.61
CA GLY A 137 -9.83 -1.37 11.60
C GLY A 137 -9.33 -0.97 10.21
N ILE A 138 -8.09 -0.53 10.12
CA ILE A 138 -7.50 -0.11 8.83
C ILE A 138 -7.39 -1.30 7.91
N ALA A 139 -8.02 -1.29 6.73
CA ALA A 139 -8.03 -2.53 5.97
C ALA A 139 -8.28 -2.24 4.50
N THR A 140 -8.28 -3.32 3.74
CA THR A 140 -8.53 -3.22 2.28
C THR A 140 -9.73 -4.11 2.02
N PHE A 141 -10.72 -3.49 1.32
CA PHE A 141 -12.01 -4.12 1.14
C PHE A 141 -12.68 -3.52 -0.07
N LYS A 142 -13.58 -4.28 -0.62
CA LYS A 142 -14.35 -3.78 -1.76
C LYS A 142 -15.60 -3.03 -1.24
N GLN A 143 -16.05 -2.08 -2.07
CA GLN A 143 -17.38 -1.51 -1.77
C GLN A 143 -18.29 -1.88 -2.94
N TYR A 144 -19.51 -2.22 -2.71
CA TYR A 144 -20.53 -2.51 -3.70
C TYR A 144 -21.60 -1.41 -3.70
N TRP A 145 -22.04 -1.02 -4.88
CA TRP A 145 -22.83 0.16 -5.19
C TRP A 145 -24.04 -0.21 -6.04
N SER A 146 -25.21 0.29 -5.73
CA SER A 146 -26.37 0.46 -6.54
C SER A 146 -26.75 1.91 -6.43
N VAL A 147 -26.72 2.66 -7.53
CA VAL A 147 -26.98 4.11 -7.39
C VAL A 147 -28.11 4.42 -8.38
N ARG A 148 -29.21 4.98 -7.84
CA ARG A 148 -30.38 5.32 -8.61
C ARG A 148 -30.03 6.36 -9.72
N ARG A 149 -30.70 6.26 -10.87
CA ARG A 149 -30.40 7.20 -11.97
C ARG A 149 -31.03 8.56 -11.65
N SER A 150 -32.14 8.59 -10.93
CA SER A 150 -32.63 9.94 -10.59
C SER A 150 -32.94 9.98 -9.09
N LYS A 151 -32.67 11.13 -8.50
CA LYS A 151 -32.77 11.30 -7.05
C LYS A 151 -34.16 10.95 -6.50
N ARG A 152 -34.27 10.39 -5.31
CA ARG A 152 -35.56 10.37 -4.62
C ARG A 152 -35.21 10.32 -3.11
N THR A 153 -36.15 10.81 -2.27
CA THR A 153 -35.83 10.82 -0.82
C THR A 153 -36.89 10.14 0.02
N SER A 154 -37.69 9.23 -0.54
CA SER A 154 -38.68 8.49 0.22
C SER A 154 -39.14 7.33 -0.64
N GLY A 155 -39.63 6.28 0.04
CA GLY A 155 -40.09 5.08 -0.64
C GLY A 155 -39.55 3.81 -0.02
N THR A 156 -39.64 2.69 -0.71
CA THR A 156 -39.18 1.39 -0.30
C THR A 156 -37.93 0.97 -1.05
N ILE A 157 -36.94 0.52 -0.31
CA ILE A 157 -35.72 -0.04 -0.87
C ILE A 157 -35.74 -1.56 -0.61
N SER A 158 -35.85 -2.31 -1.73
CA SER A 158 -35.82 -3.77 -1.54
C SER A 158 -34.38 -4.30 -1.44
N VAL A 159 -33.80 -4.14 -0.24
CA VAL A 159 -32.41 -4.50 -0.03
C VAL A 159 -32.06 -5.88 -0.64
N SER A 160 -32.75 -6.96 -0.27
CA SER A 160 -32.33 -8.26 -0.79
C SER A 160 -32.32 -8.33 -2.32
N ASN A 161 -33.15 -7.57 -3.04
CA ASN A 161 -33.14 -7.57 -4.47
C ASN A 161 -31.77 -7.01 -4.96
N HIS A 162 -31.22 -5.99 -4.29
CA HIS A 162 -29.89 -5.50 -4.74
C HIS A 162 -28.79 -6.51 -4.40
N PHE A 163 -28.94 -7.18 -3.24
CA PHE A 163 -27.91 -8.17 -2.83
C PHE A 163 -27.90 -9.31 -3.89
N ARG A 164 -29.07 -9.77 -4.33
CA ARG A 164 -29.06 -10.84 -5.36
C ARG A 164 -28.46 -10.37 -6.69
N ALA A 165 -28.76 -9.17 -7.13
CA ALA A 165 -28.22 -8.58 -8.36
C ALA A 165 -26.71 -8.53 -8.21
N TRP A 166 -26.15 -8.02 -7.10
CA TRP A 166 -24.71 -7.98 -6.94
C TRP A 166 -24.11 -9.38 -7.05
N GLU A 167 -24.68 -10.36 -6.35
CA GLU A 167 -24.05 -11.68 -6.40
C GLU A 167 -24.22 -12.28 -7.79
N ASN A 168 -25.24 -11.94 -8.52
CA ASN A 168 -25.44 -12.36 -9.90
C ASN A 168 -24.29 -11.87 -10.79
N LEU A 169 -23.84 -10.64 -10.51
CA LEU A 169 -22.77 -10.02 -11.26
C LEU A 169 -21.40 -10.45 -10.78
N GLY A 170 -21.29 -11.40 -9.85
CA GLY A 170 -19.98 -11.87 -9.38
C GLY A 170 -19.52 -11.04 -8.20
N MET A 171 -20.33 -10.13 -7.60
CA MET A 171 -19.87 -9.37 -6.43
C MET A 171 -20.33 -10.13 -5.18
N ASN A 172 -19.48 -10.97 -4.66
CA ASN A 172 -19.91 -11.89 -3.58
C ASN A 172 -19.96 -11.22 -2.22
N MET A 173 -20.86 -11.68 -1.40
CA MET A 173 -21.14 -11.19 -0.07
C MET A 173 -20.82 -12.20 1.02
N GLY A 174 -20.33 -11.72 2.14
CA GLY A 174 -20.12 -12.61 3.28
C GLY A 174 -21.25 -12.73 4.27
N LYS A 175 -20.85 -12.94 5.54
CA LYS A 175 -21.78 -13.00 6.67
C LYS A 175 -22.25 -11.58 7.01
N MET A 176 -23.49 -11.30 7.24
CA MET A 176 -24.01 -9.99 7.50
C MET A 176 -23.43 -9.45 8.82
N TYR A 177 -23.04 -8.20 8.76
CA TYR A 177 -22.59 -7.42 9.90
C TYR A 177 -23.60 -6.33 10.20
N GLU A 178 -24.17 -5.71 9.12
CA GLU A 178 -25.20 -4.70 9.33
C GLU A 178 -26.00 -4.32 8.08
N VAL A 179 -27.20 -3.77 8.27
CA VAL A 179 -28.00 -3.13 7.25
C VAL A 179 -28.55 -1.86 7.91
N ALA A 180 -28.50 -0.70 7.28
CA ALA A 180 -29.02 0.53 7.84
C ALA A 180 -29.29 1.68 6.89
N LEU A 181 -30.39 2.39 7.14
CA LEU A 181 -30.68 3.65 6.47
C LEU A 181 -29.62 4.61 6.98
N THR A 182 -28.81 5.17 6.03
CA THR A 182 -27.58 5.94 6.30
C THR A 182 -27.51 7.35 5.64
N VAL A 183 -27.04 8.32 6.39
CA VAL A 183 -26.74 9.64 5.75
C VAL A 183 -25.20 9.76 5.83
N GLU A 184 -24.50 9.97 4.70
CA GLU A 184 -23.07 10.06 4.74
C GLU A 184 -22.61 11.44 4.17
N GLY A 185 -21.74 12.12 4.91
CA GLY A 185 -21.28 13.43 4.31
C GLY A 185 -19.81 13.30 3.96
N TYR A 186 -19.31 13.86 2.85
CA TYR A 186 -17.87 13.72 2.55
C TYR A 186 -17.36 15.09 2.06
N GLN A 187 -16.47 15.67 2.82
CA GLN A 187 -15.82 16.98 2.53
C GLN A 187 -16.91 18.01 2.35
N SER A 188 -17.82 18.10 3.37
CA SER A 188 -18.93 19.01 3.09
C SER A 188 -19.68 19.33 4.37
N SER A 189 -20.72 20.17 4.22
CA SER A 189 -21.61 20.41 5.34
C SER A 189 -23.06 20.10 4.96
N GLY A 190 -24.03 19.98 5.88
CA GLY A 190 -25.43 19.87 5.48
C GLY A 190 -26.30 19.35 6.64
N SER A 191 -27.52 18.99 6.32
CA SER A 191 -28.41 18.38 7.32
C SER A 191 -29.37 17.44 6.62
N ALA A 192 -29.95 16.56 7.48
CA ALA A 192 -30.90 15.59 6.93
C ALA A 192 -31.81 15.13 8.08
N ASN A 193 -33.10 15.11 7.76
CA ASN A 193 -34.00 14.62 8.82
C ASN A 193 -34.65 13.34 8.30
N VAL A 194 -34.28 12.23 8.93
CA VAL A 194 -34.83 10.94 8.47
C VAL A 194 -36.12 10.77 9.31
N TYR A 195 -37.22 11.18 8.74
CA TYR A 195 -38.49 11.14 9.50
C TYR A 195 -39.24 9.83 9.43
N SER A 196 -38.74 8.93 8.59
CA SER A 196 -39.39 7.62 8.51
C SER A 196 -38.37 6.56 8.13
N ASN A 197 -38.32 5.44 8.86
CA ASN A 197 -37.29 4.44 8.64
C ASN A 197 -37.72 3.20 9.37
N THR A 198 -38.27 2.21 8.63
CA THR A 198 -38.62 0.92 9.20
C THR A 198 -37.96 -0.21 8.43
N LEU A 199 -37.22 -1.00 9.14
CA LEU A 199 -36.57 -2.17 8.60
C LEU A 199 -37.50 -3.37 8.81
N ARG A 200 -37.74 -4.15 7.77
CA ARG A 200 -38.55 -5.36 7.84
C ARG A 200 -37.70 -6.57 7.49
N ILE A 201 -37.67 -7.63 8.28
CA ILE A 201 -36.90 -8.83 7.96
C ILE A 201 -37.94 -9.93 7.82
N ASN A 202 -38.08 -10.48 6.62
CA ASN A 202 -39.13 -11.42 6.33
C ASN A 202 -40.49 -10.79 6.66
N GLY A 203 -40.78 -9.55 6.33
CA GLY A 203 -42.04 -8.90 6.60
C GLY A 203 -42.27 -8.25 7.95
N ASN A 204 -41.50 -8.66 8.96
CA ASN A 204 -41.71 -8.13 10.34
C ASN A 204 -40.79 -6.94 10.74
N PRO A 205 -41.44 -5.84 11.05
CA PRO A 205 -40.76 -4.64 11.46
C PRO A 205 -39.88 -4.92 12.68
N LEU A 206 -38.64 -4.46 12.65
CA LEU A 206 -37.63 -4.79 13.62
C LEU A 206 -37.96 -4.62 15.11
N SER A 207 -37.37 -5.57 15.86
CA SER A 207 -37.57 -5.81 17.25
C SER A 207 -36.33 -6.30 18.00
N ILE B 2 -8.27 24.49 -27.60
CA ILE B 2 -9.31 23.68 -26.84
C ILE B 2 -8.71 22.30 -26.51
N VAL B 3 -8.68 22.04 -25.19
CA VAL B 3 -8.11 20.80 -24.67
C VAL B 3 -9.17 20.06 -23.85
N THR B 4 -9.45 18.77 -24.20
CA THR B 4 -10.44 17.99 -23.46
C THR B 4 -9.88 16.64 -23.00
N ASP B 5 -8.62 16.27 -23.12
CA ASP B 5 -8.05 15.04 -22.58
C ASP B 5 -6.60 15.29 -22.15
N ASN B 6 -6.00 14.37 -21.45
CA ASN B 6 -4.70 14.54 -20.84
C ASN B 6 -3.65 15.05 -21.88
N SER B 7 -2.99 16.16 -21.50
CA SER B 7 -2.02 16.70 -22.49
C SER B 7 -1.06 17.58 -21.72
N ILE B 8 0.21 17.57 -22.20
CA ILE B 8 1.24 18.40 -21.58
C ILE B 8 1.93 19.14 -22.74
N GLY B 9 1.99 20.45 -22.75
CA GLY B 9 2.72 21.15 -23.83
C GLY B 9 3.15 22.54 -23.34
N ASN B 10 3.56 23.39 -24.29
CA ASN B 10 3.89 24.78 -23.99
C ASN B 10 2.98 25.65 -24.81
N HIS B 11 2.19 26.57 -24.39
CA HIS B 11 1.31 27.46 -25.07
C HIS B 11 1.64 28.94 -24.72
N ASP B 12 2.03 29.72 -25.72
CA ASP B 12 2.29 31.14 -25.56
C ASP B 12 3.31 31.41 -24.45
N GLY B 13 4.30 30.51 -24.33
CA GLY B 13 5.38 30.74 -23.36
C GLY B 13 5.21 29.87 -22.11
N TYR B 14 3.96 29.58 -21.75
CA TYR B 14 3.68 28.90 -20.48
C TYR B 14 3.60 27.40 -20.63
N ASP B 15 4.06 26.59 -19.69
CA ASP B 15 3.87 25.14 -19.77
C ASP B 15 2.42 24.84 -19.26
N TYR B 16 1.54 24.36 -20.12
CA TYR B 16 0.18 24.07 -19.72
C TYR B 16 0.05 22.60 -19.43
N GLU B 17 -0.98 22.20 -18.63
CA GLU B 17 -1.19 20.75 -18.52
C GLU B 17 -2.68 20.51 -18.20
N PHE B 18 -3.26 19.58 -18.82
CA PHE B 18 -4.62 19.11 -18.49
C PHE B 18 -4.40 17.70 -17.99
N TRP B 19 -4.99 17.34 -16.80
CA TRP B 19 -4.87 15.97 -16.33
C TRP B 19 -6.18 15.56 -15.61
N LYS B 20 -6.77 14.43 -15.85
CA LYS B 20 -7.89 13.92 -15.08
C LYS B 20 -7.77 12.40 -15.00
N ASP B 21 -8.45 11.76 -14.10
CA ASP B 21 -8.52 10.29 -14.21
C ASP B 21 -9.84 10.01 -14.90
N SER B 22 -10.25 8.72 -14.95
CA SER B 22 -11.47 8.39 -15.66
C SER B 22 -12.74 8.88 -14.98
N GLY B 23 -13.72 9.28 -15.78
CA GLY B 23 -15.02 9.74 -15.26
C GLY B 23 -15.27 11.24 -15.49
N GLY B 24 -16.48 11.59 -15.92
CA GLY B 24 -16.90 12.97 -16.19
C GLY B 24 -16.09 13.53 -17.37
N SER B 25 -16.02 14.85 -17.44
CA SER B 25 -15.31 15.45 -18.57
C SER B 25 -14.80 16.82 -18.15
N GLY B 26 -13.87 17.29 -19.00
CA GLY B 26 -13.31 18.61 -18.70
C GLY B 26 -12.97 19.24 -20.07
N THR B 27 -12.96 20.56 -20.06
CA THR B 27 -12.53 21.38 -21.18
C THR B 27 -11.67 22.58 -20.64
N MET B 28 -10.48 22.67 -21.24
CA MET B 28 -9.57 23.75 -20.91
C MET B 28 -9.41 24.55 -22.24
N ILE B 29 -9.47 25.85 -22.19
CA ILE B 29 -9.19 26.70 -23.34
C ILE B 29 -7.89 27.51 -23.04
N LEU B 30 -6.88 27.38 -23.85
CA LEU B 30 -5.58 28.02 -23.63
C LEU B 30 -5.62 29.47 -24.16
N ASN B 31 -5.53 30.45 -23.29
CA ASN B 31 -5.55 31.86 -23.69
C ASN B 31 -4.15 32.48 -23.63
N HIS B 32 -4.04 33.82 -23.86
CA HIS B 32 -2.69 34.39 -24.00
C HIS B 32 -1.89 34.27 -22.69
N GLY B 33 -0.60 34.12 -22.89
CA GLY B 33 0.37 34.08 -21.81
C GLY B 33 -0.09 32.95 -20.84
N GLY B 34 -0.28 33.29 -19.58
CA GLY B 34 -0.54 32.19 -18.63
C GLY B 34 -2.04 32.03 -18.45
N THR B 35 -2.89 32.73 -19.20
CA THR B 35 -4.29 32.62 -18.90
C THR B 35 -4.95 31.39 -19.58
N PHE B 36 -6.07 30.95 -18.93
CA PHE B 36 -6.84 29.83 -19.46
C PHE B 36 -8.18 29.77 -18.80
N SER B 37 -9.17 29.16 -19.43
CA SER B 37 -10.46 28.88 -18.82
C SER B 37 -10.57 27.35 -18.66
N ALA B 38 -11.37 26.96 -17.66
CA ALA B 38 -11.55 25.57 -17.39
C ALA B 38 -13.02 25.33 -17.08
N GLN B 39 -13.48 24.18 -17.46
CA GLN B 39 -14.78 23.77 -17.00
C GLN B 39 -14.78 22.27 -16.80
N TRP B 40 -15.52 21.80 -15.81
CA TRP B 40 -15.46 20.34 -15.56
C TRP B 40 -16.84 19.84 -15.16
N ASN B 41 -17.11 18.56 -15.35
CA ASN B 41 -18.41 18.05 -15.00
C ASN B 41 -18.32 16.57 -14.50
N ASN B 42 -18.77 16.40 -13.28
CA ASN B 42 -18.89 15.08 -12.68
C ASN B 42 -17.57 14.31 -12.66
N VAL B 43 -16.38 14.96 -12.28
CA VAL B 43 -15.10 14.29 -12.44
C VAL B 43 -14.77 13.50 -11.20
N ASN B 44 -13.86 12.71 -11.26
CA ASN B 44 -13.28 12.17 -10.02
C ASN B 44 -12.17 13.16 -9.60
N ASN B 45 -11.07 13.28 -10.39
CA ASN B 45 -10.09 14.32 -10.09
C ASN B 45 -9.62 14.96 -11.42
N ILE B 46 -9.61 16.27 -11.48
CA ILE B 46 -9.19 16.98 -12.68
C ILE B 46 -8.30 18.15 -12.24
N LEU B 47 -7.24 18.40 -13.00
CA LEU B 47 -6.34 19.54 -12.71
C LEU B 47 -6.12 20.31 -14.02
N PHE B 48 -6.13 21.62 -14.01
CA PHE B 48 -5.90 22.47 -15.18
C PHE B 48 -4.85 23.49 -14.69
N ARG B 49 -3.81 23.71 -15.51
CA ARG B 49 -2.79 24.67 -15.03
C ARG B 49 -1.85 25.17 -16.13
N LYS B 50 -1.29 26.33 -15.85
CA LYS B 50 -0.23 26.99 -16.62
C LYS B 50 0.86 27.59 -15.69
N GLY B 51 2.12 27.32 -15.96
CA GLY B 51 3.26 27.81 -15.24
C GLY B 51 4.60 27.45 -15.92
N LYS B 52 5.49 26.85 -15.16
CA LYS B 52 6.79 26.44 -15.67
C LYS B 52 7.21 25.07 -15.21
N LYS B 53 7.60 24.17 -16.15
CA LYS B 53 8.09 22.86 -15.79
C LYS B 53 9.64 22.98 -15.83
N PHE B 54 10.32 22.30 -14.94
CA PHE B 54 11.77 22.48 -14.86
C PHE B 54 12.44 21.15 -15.16
N ASN B 55 13.76 21.16 -15.42
CA ASN B 55 14.36 19.86 -15.71
C ASN B 55 14.87 19.07 -14.53
N GLU B 56 14.38 19.21 -13.30
CA GLU B 56 14.68 18.34 -12.16
C GLU B 56 16.16 18.36 -11.80
N THR B 57 16.80 19.52 -11.95
CA THR B 57 18.21 19.64 -11.62
C THR B 57 18.42 20.64 -10.48
N GLN B 58 17.51 21.59 -10.31
CA GLN B 58 17.80 22.61 -9.30
C GLN B 58 16.82 22.66 -8.14
N THR B 59 17.32 23.06 -6.98
CA THR B 59 16.47 23.28 -5.81
C THR B 59 15.72 24.55 -6.08
N HIS B 60 14.69 24.86 -5.30
CA HIS B 60 13.99 26.14 -5.51
C HIS B 60 14.93 27.31 -5.30
N GLN B 61 15.86 27.21 -4.36
CA GLN B 61 16.86 28.21 -4.09
C GLN B 61 17.71 28.45 -5.34
N GLN B 62 18.12 27.44 -6.05
CA GLN B 62 18.91 27.61 -7.28
C GLN B 62 18.04 28.16 -8.40
N VAL B 63 16.73 27.80 -8.48
CA VAL B 63 15.94 28.42 -9.56
C VAL B 63 15.85 29.92 -9.25
N GLY B 64 15.70 30.26 -7.96
CA GLY B 64 15.58 31.69 -7.61
C GLY B 64 14.18 32.00 -7.11
N ASN B 65 13.94 33.29 -6.91
CA ASN B 65 12.72 33.79 -6.33
C ASN B 65 11.52 33.57 -7.24
N MET B 66 10.48 32.89 -6.78
CA MET B 66 9.34 32.65 -7.64
C MET B 66 8.14 33.39 -7.06
N SER B 67 7.48 34.11 -7.95
CA SER B 67 6.29 34.87 -7.58
C SER B 67 5.25 34.84 -8.68
N ILE B 68 4.00 34.67 -8.30
CA ILE B 68 2.94 34.63 -9.29
C ILE B 68 1.92 35.74 -9.00
N ASN B 69 1.63 36.50 -10.03
CA ASN B 69 0.58 37.50 -10.06
C ASN B 69 -0.69 36.93 -10.67
N TYR B 70 -1.89 36.83 -10.15
CA TYR B 70 -2.97 36.18 -10.84
C TYR B 70 -4.31 36.85 -10.55
N GLY B 71 -5.28 36.47 -11.38
CA GLY B 71 -6.68 36.91 -11.24
C GLY B 71 -7.54 35.75 -11.84
N ALA B 72 -8.56 35.34 -11.10
CA ALA B 72 -9.42 34.26 -11.55
C ALA B 72 -10.88 34.44 -11.08
N ASN B 73 -11.77 34.25 -12.06
CA ASN B 73 -13.17 34.18 -11.82
C ASN B 73 -13.46 32.75 -11.48
N PHE B 74 -13.63 32.42 -10.21
CA PHE B 74 -13.64 31.00 -9.81
C PHE B 74 -14.99 30.55 -9.36
N GLN B 75 -15.63 29.60 -10.03
CA GLN B 75 -17.00 29.23 -9.68
C GLN B 75 -17.23 27.70 -9.61
N PRO B 76 -16.64 27.09 -8.60
CA PRO B 76 -16.80 25.68 -8.34
C PRO B 76 -18.25 25.44 -7.86
N ASN B 77 -18.76 24.30 -8.22
CA ASN B 77 -20.08 23.89 -7.86
C ASN B 77 -20.02 22.77 -6.83
N GLY B 78 -18.97 22.61 -6.11
CA GLY B 78 -18.64 21.62 -5.15
C GLY B 78 -17.13 21.77 -4.82
N ASN B 79 -16.44 20.70 -4.54
CA ASN B 79 -15.09 20.64 -4.06
C ASN B 79 -14.08 20.99 -5.18
N ALA B 80 -13.35 22.04 -4.94
CA ALA B 80 -12.33 22.47 -5.98
C ALA B 80 -11.37 23.39 -5.33
N TYR B 81 -10.14 23.61 -5.87
CA TYR B 81 -9.20 24.49 -5.27
C TYR B 81 -8.58 25.45 -6.31
N LEU B 82 -8.37 26.67 -5.87
CA LEU B 82 -7.70 27.64 -6.78
C LEU B 82 -6.33 27.83 -6.14
N CYS B 83 -5.25 27.40 -6.77
CA CYS B 83 -3.98 27.39 -6.02
C CYS B 83 -2.74 27.57 -6.91
N VAL B 84 -1.65 27.73 -6.18
CA VAL B 84 -0.38 27.50 -6.93
C VAL B 84 0.00 26.06 -6.59
N TYR B 85 0.33 25.22 -7.58
CA TYR B 85 0.58 23.81 -7.33
C TYR B 85 1.88 23.37 -8.05
N GLY B 86 2.47 22.28 -7.66
CA GLY B 86 3.67 21.89 -8.46
C GLY B 86 4.29 20.68 -7.79
N TRP B 87 5.51 20.32 -8.13
CA TRP B 87 6.20 19.15 -7.64
C TRP B 87 7.71 19.31 -7.53
N THR B 88 8.31 18.52 -6.64
CA THR B 88 9.80 18.48 -6.64
C THR B 88 10.13 17.00 -6.83
N VAL B 89 11.37 16.66 -7.16
CA VAL B 89 11.69 15.22 -7.24
C VAL B 89 12.92 14.97 -6.35
N ASP B 90 13.01 13.77 -5.78
CA ASP B 90 14.01 13.38 -4.80
C ASP B 90 14.22 14.42 -3.70
N PRO B 91 13.38 14.48 -2.72
CA PRO B 91 12.20 13.64 -2.64
C PRO B 91 10.97 14.11 -3.45
N LEU B 92 10.18 13.12 -3.82
CA LEU B 92 9.01 13.32 -4.69
C LEU B 92 7.87 13.93 -3.83
N VAL B 93 7.58 15.18 -4.10
CA VAL B 93 6.59 15.92 -3.28
C VAL B 93 5.64 16.69 -4.20
N ALA B 94 4.39 16.71 -3.86
CA ALA B 94 3.39 17.50 -4.55
C ALA B 94 3.07 18.63 -3.58
N TYR B 95 2.90 19.87 -4.05
CA TYR B 95 2.60 20.97 -3.14
C TYR B 95 1.48 21.88 -3.66
N TYR B 96 0.84 22.55 -2.68
CA TYR B 96 -0.34 23.38 -2.91
C TYR B 96 -0.30 24.65 -2.09
N ILE B 97 -0.57 25.80 -2.67
CA ILE B 97 -0.70 27.03 -1.95
C ILE B 97 -2.04 27.57 -2.31
N VAL B 98 -3.01 27.29 -1.45
CA VAL B 98 -4.42 27.43 -1.86
C VAL B 98 -4.99 28.75 -1.43
N ASP B 99 -5.46 29.54 -2.36
CA ASP B 99 -6.09 30.83 -2.07
C ASP B 99 -7.64 30.80 -2.06
N SER B 100 -8.30 29.85 -2.67
CA SER B 100 -9.76 29.73 -2.60
C SER B 100 -10.13 28.27 -2.83
N TRP B 101 -11.37 27.97 -2.50
CA TRP B 101 -11.83 26.60 -2.51
C TRP B 101 -13.37 26.62 -2.66
N GLY B 102 -13.98 25.43 -2.81
CA GLY B 102 -15.43 25.47 -2.99
C GLY B 102 -16.07 25.36 -1.59
N ASN B 103 -16.72 24.23 -1.38
CA ASN B 103 -17.45 24.08 -0.10
C ASN B 103 -16.62 23.52 1.04
N TRP B 104 -15.42 23.00 0.81
CA TRP B 104 -14.62 22.42 1.88
C TRP B 104 -13.19 22.92 1.80
N ARG B 105 -12.70 23.42 2.95
CA ARG B 105 -11.38 23.97 3.06
C ARG B 105 -10.47 22.78 3.27
N PRO B 106 -9.49 22.60 2.36
CA PRO B 106 -8.58 21.46 2.44
C PRO B 106 -7.45 21.78 3.45
N PRO B 107 -6.75 20.73 3.83
CA PRO B 107 -6.96 19.39 3.31
C PRO B 107 -7.48 18.40 4.35
N GLY B 108 -8.07 18.86 5.44
CA GLY B 108 -8.64 18.00 6.47
C GLY B 108 -7.57 17.53 7.45
N ALA B 109 -6.37 18.10 7.62
CA ALA B 109 -5.40 17.49 8.52
C ALA B 109 -5.16 18.37 9.71
N THR B 110 -4.25 18.07 10.60
CA THR B 110 -3.97 19.04 11.70
C THR B 110 -2.81 19.97 11.24
N PRO B 111 -2.92 21.24 11.45
CA PRO B 111 -1.95 22.21 11.04
C PRO B 111 -0.60 22.03 11.67
N LYS B 112 0.50 22.28 11.04
CA LYS B 112 1.84 22.12 11.59
C LYS B 112 2.40 23.50 11.92
N GLY B 113 1.80 24.54 11.36
CA GLY B 113 2.37 25.91 11.57
C GLY B 113 1.56 26.87 10.70
N THR B 114 1.96 28.14 10.61
CA THR B 114 1.28 29.11 9.80
C THR B 114 2.37 29.97 9.08
N ILE B 115 1.89 30.58 7.99
CA ILE B 115 2.75 31.63 7.47
C ILE B 115 1.90 32.82 7.09
N THR B 116 2.27 34.01 7.60
CA THR B 116 1.51 35.20 7.27
C THR B 116 2.30 35.85 6.13
N VAL B 117 1.73 35.96 4.98
CA VAL B 117 2.38 36.48 3.77
C VAL B 117 1.32 36.97 2.76
N ASP B 118 1.64 37.85 1.85
CA ASP B 118 0.74 38.40 0.82
C ASP B 118 -0.64 38.83 1.34
N GLY B 119 -0.63 39.49 2.47
CA GLY B 119 -1.83 40.07 3.11
C GLY B 119 -2.65 39.02 3.83
N GLY B 120 -2.29 37.73 3.91
CA GLY B 120 -3.21 36.83 4.61
C GLY B 120 -2.50 35.89 5.53
N THR B 121 -3.21 34.94 6.13
CA THR B 121 -2.53 33.97 7.01
C THR B 121 -2.95 32.59 6.49
N TYR B 122 -1.93 31.79 6.40
CA TYR B 122 -2.06 30.45 5.89
C TYR B 122 -1.64 29.44 6.95
N ASP B 123 -2.49 28.41 7.02
CA ASP B 123 -2.25 27.21 7.81
C ASP B 123 -1.40 26.28 6.97
N ILE B 124 -0.43 25.62 7.55
CA ILE B 124 0.49 24.71 6.89
C ILE B 124 0.23 23.27 7.33
N TYR B 125 0.14 22.41 6.32
CA TYR B 125 -0.15 20.99 6.62
C TYR B 125 0.74 20.08 5.80
N GLU B 126 0.87 18.84 6.26
CA GLU B 126 1.64 17.86 5.50
C GLU B 126 0.80 16.60 5.34
N THR B 127 0.50 16.09 4.16
CA THR B 127 -0.31 14.86 4.08
C THR B 127 0.46 13.82 3.30
N LEU B 128 -0.09 12.62 3.22
CA LEU B 128 0.58 11.48 2.57
C LEU B 128 -0.29 10.77 1.55
N ARG B 129 0.26 10.60 0.37
CA ARG B 129 -0.42 9.83 -0.66
C ARG B 129 0.34 8.51 -0.83
N VAL B 130 -0.41 7.40 -0.77
CA VAL B 130 0.16 6.06 -0.91
C VAL B 130 -0.35 5.33 -2.15
N ASN B 131 0.57 5.03 -3.08
CA ASN B 131 0.19 4.41 -4.32
C ASN B 131 -0.94 5.14 -5.03
N GLN B 132 -0.69 6.39 -5.38
CA GLN B 132 -1.64 7.23 -6.09
C GLN B 132 -0.91 7.71 -7.32
N PRO B 133 -1.62 8.26 -8.28
CA PRO B 133 -1.03 8.79 -9.49
C PRO B 133 -0.11 9.94 -9.11
N SER B 134 0.91 10.13 -9.92
CA SER B 134 1.87 11.20 -9.64
C SER B 134 2.55 11.47 -10.98
N ILE B 135 3.47 12.39 -11.04
CA ILE B 135 4.29 12.72 -12.19
C ILE B 135 5.27 11.58 -12.53
N LYS B 136 5.40 10.62 -11.66
CA LYS B 136 6.27 9.48 -11.80
C LYS B 136 5.46 8.19 -11.77
N GLY B 137 4.16 8.15 -12.20
CA GLY B 137 3.42 6.89 -12.10
C GLY B 137 2.87 6.69 -10.71
N ILE B 138 2.33 5.50 -10.48
CA ILE B 138 1.77 5.09 -9.20
C ILE B 138 2.84 5.19 -8.11
N ALA B 139 2.60 5.96 -7.03
CA ALA B 139 3.73 6.08 -6.10
C ALA B 139 3.25 6.68 -4.80
N THR B 140 4.19 6.66 -3.85
CA THR B 140 3.92 7.18 -2.51
C THR B 140 4.74 8.43 -2.28
N PHE B 141 4.05 9.54 -1.86
CA PHE B 141 4.76 10.82 -1.79
C PHE B 141 3.99 11.64 -0.74
N LYS B 142 4.66 12.66 -0.28
CA LYS B 142 4.11 13.62 0.65
C LYS B 142 3.46 14.79 -0.14
N GLN B 143 2.41 15.38 0.45
CA GLN B 143 1.88 16.58 -0.23
C GLN B 143 2.06 17.66 0.86
N TYR B 144 2.54 18.81 0.49
CA TYR B 144 2.70 19.97 1.34
C TYR B 144 1.60 21.01 1.01
N TRP B 145 1.08 21.66 2.08
CA TRP B 145 -0.09 22.53 2.01
C TRP B 145 0.15 23.88 2.70
N SER B 146 -0.14 24.98 2.05
CA SER B 146 -0.40 26.26 2.68
C SER B 146 -1.85 26.61 2.24
N VAL B 147 -2.73 26.85 3.26
CA VAL B 147 -4.13 27.14 2.83
C VAL B 147 -4.58 28.44 3.49
N ARG B 148 -4.95 29.44 2.72
CA ARG B 148 -5.30 30.73 3.28
C ARG B 148 -6.53 30.60 4.17
N ARG B 149 -6.58 31.36 5.25
CA ARG B 149 -7.69 31.26 6.19
C ARG B 149 -8.93 31.93 5.63
N SER B 150 -8.87 32.87 4.70
CA SER B 150 -10.09 33.37 4.11
C SER B 150 -9.84 33.41 2.59
N LYS B 151 -10.90 33.14 1.83
CA LYS B 151 -10.82 32.95 0.39
C LYS B 151 -10.31 34.21 -0.32
N ARG B 152 -9.56 34.10 -1.39
CA ARG B 152 -9.47 35.19 -2.32
C ARG B 152 -9.14 34.66 -3.70
N THR B 153 -9.44 35.49 -4.73
CA THR B 153 -9.25 34.91 -6.08
C THR B 153 -8.45 35.85 -6.94
N SER B 154 -7.65 36.74 -6.35
CA SER B 154 -6.69 37.52 -7.10
C SER B 154 -5.62 38.06 -6.14
N GLY B 155 -4.48 38.44 -6.71
CA GLY B 155 -3.39 39.01 -6.00
C GLY B 155 -2.04 38.41 -6.35
N THR B 156 -1.12 38.52 -5.36
CA THR B 156 0.21 37.96 -5.62
C THR B 156 0.52 36.84 -4.64
N ILE B 157 1.00 35.71 -5.15
CA ILE B 157 1.47 34.63 -4.32
C ILE B 157 3.01 34.58 -4.33
N SER B 158 3.60 34.86 -3.17
CA SER B 158 5.06 34.72 -3.07
C SER B 158 5.46 33.27 -2.81
N VAL B 159 5.55 32.49 -3.91
CA VAL B 159 5.82 31.06 -3.81
C VAL B 159 7.06 30.76 -2.94
N SER B 160 8.21 31.34 -3.23
CA SER B 160 9.42 31.06 -2.46
C SER B 160 9.29 31.30 -0.95
N ASN B 161 8.42 32.22 -0.51
CA ASN B 161 8.25 32.43 0.90
C ASN B 161 7.57 31.16 1.50
N HIS B 162 6.66 30.51 0.76
CA HIS B 162 5.97 29.32 1.27
C HIS B 162 6.97 28.18 1.32
N PHE B 163 7.78 28.16 0.25
CA PHE B 163 8.81 27.11 0.19
C PHE B 163 9.73 27.22 1.44
N ARG B 164 10.23 28.39 1.76
CA ARG B 164 11.09 28.54 2.94
C ARG B 164 10.38 28.21 4.26
N ALA B 165 9.09 28.60 4.43
CA ALA B 165 8.29 28.23 5.55
C ALA B 165 8.23 26.69 5.72
N TRP B 166 7.89 25.97 4.65
CA TRP B 166 7.81 24.54 4.70
C TRP B 166 9.15 23.90 5.11
N GLU B 167 10.27 24.29 4.49
CA GLU B 167 11.57 23.81 4.87
C GLU B 167 11.94 24.20 6.29
N ASN B 168 11.59 25.34 6.84
CA ASN B 168 11.75 25.73 8.23
C ASN B 168 11.09 24.71 9.18
N LEU B 169 9.93 24.21 8.74
CA LEU B 169 9.15 23.30 9.55
C LEU B 169 9.56 21.85 9.37
N GLY B 170 10.64 21.60 8.65
CA GLY B 170 11.11 20.25 8.46
C GLY B 170 10.52 19.60 7.22
N MET B 171 9.68 20.29 6.42
CA MET B 171 9.11 19.60 5.24
C MET B 171 10.11 19.87 4.10
N ASN B 172 10.99 18.96 3.83
CA ASN B 172 12.05 19.21 2.85
C ASN B 172 11.56 19.07 1.41
N MET B 173 12.17 19.81 0.55
CA MET B 173 11.86 19.84 -0.88
C MET B 173 13.00 19.31 -1.74
N GLY B 174 12.76 18.76 -2.89
CA GLY B 174 13.80 18.26 -3.78
C GLY B 174 14.06 19.22 -4.93
N LYS B 175 14.43 18.66 -6.05
CA LYS B 175 14.72 19.44 -7.25
C LYS B 175 13.38 19.87 -7.88
N MET B 176 13.22 21.05 -8.36
CA MET B 176 11.96 21.52 -8.89
C MET B 176 11.59 20.76 -10.19
N TYR B 177 10.32 20.38 -10.29
CA TYR B 177 9.78 19.78 -11.51
C TYR B 177 8.76 20.74 -12.11
N GLU B 178 8.03 21.50 -11.22
CA GLU B 178 6.94 22.37 -11.70
C GLU B 178 6.49 23.43 -10.67
N VAL B 179 6.04 24.58 -11.09
CA VAL B 179 5.33 25.59 -10.37
C VAL B 179 4.21 26.12 -11.30
N ALA B 180 2.94 26.02 -10.88
CA ALA B 180 1.89 26.61 -11.76
C ALA B 180 0.63 27.06 -11.04
N LEU B 181 -0.05 28.05 -11.62
CA LEU B 181 -1.39 28.50 -11.18
C LEU B 181 -2.32 27.39 -11.67
N THR B 182 -3.04 26.83 -10.69
CA THR B 182 -3.79 25.57 -10.91
C THR B 182 -5.28 25.63 -10.49
N VAL B 183 -6.15 25.00 -11.24
CA VAL B 183 -7.54 24.85 -10.83
C VAL B 183 -7.73 23.33 -10.70
N GLU B 184 -8.22 22.85 -9.55
CA GLU B 184 -8.37 21.40 -9.38
C GLU B 184 -9.82 21.18 -8.98
N GLY B 185 -10.47 20.18 -9.55
CA GLY B 185 -11.86 19.86 -9.08
C GLY B 185 -11.77 18.43 -8.51
N TYR B 186 -12.57 18.09 -7.49
CA TYR B 186 -12.55 16.77 -6.89
C TYR B 186 -14.01 16.40 -6.60
N GLN B 187 -14.50 15.37 -7.18
CA GLN B 187 -15.88 14.88 -7.07
C GLN B 187 -16.81 16.06 -7.24
N SER B 188 -16.71 16.81 -8.36
CA SER B 188 -17.58 17.98 -8.42
C SER B 188 -17.68 18.47 -9.86
N SER B 189 -18.49 19.53 -10.03
CA SER B 189 -18.50 20.19 -11.32
C SER B 189 -18.16 21.68 -11.16
N GLY B 190 -17.81 22.44 -12.20
CA GLY B 190 -17.67 23.89 -12.01
C GLY B 190 -16.98 24.50 -13.25
N SER B 191 -16.57 25.75 -13.11
CA SER B 191 -15.86 26.48 -14.12
C SER B 191 -14.99 27.55 -13.44
N ALA B 192 -13.99 27.98 -14.19
CA ALA B 192 -13.05 28.99 -13.70
C ALA B 192 -12.43 29.68 -14.91
N ASN B 193 -12.34 31.00 -14.85
CA ASN B 193 -11.64 31.71 -15.92
C ASN B 193 -10.43 32.41 -15.28
N VAL B 194 -9.22 31.89 -15.54
CA VAL B 194 -8.02 32.51 -15.03
C VAL B 194 -7.70 33.64 -16.03
N TYR B 195 -8.13 34.85 -15.70
CA TYR B 195 -7.89 35.97 -16.64
C TYR B 195 -6.55 36.66 -16.46
N SER B 196 -5.83 36.35 -15.38
CA SER B 196 -4.49 36.84 -15.20
C SER B 196 -3.57 35.83 -14.54
N ASN B 197 -2.36 35.65 -15.02
CA ASN B 197 -1.40 34.67 -14.49
C ASN B 197 -0.06 34.96 -15.10
N THR B 198 0.78 35.62 -14.32
CA THR B 198 2.16 35.91 -14.68
C THR B 198 3.09 35.37 -13.60
N LEU B 199 3.95 34.49 -14.00
CA LEU B 199 4.97 33.89 -13.19
C LEU B 199 6.26 34.72 -13.40
N ARG B 200 6.84 35.24 -12.31
CA ARG B 200 8.11 35.93 -12.40
C ARG B 200 9.17 35.06 -11.72
N ILE B 201 10.34 34.91 -12.33
CA ILE B 201 11.45 34.20 -11.67
C ILE B 201 12.61 35.18 -11.55
N ASN B 202 13.00 35.48 -10.30
CA ASN B 202 13.91 36.57 -10.02
C ASN B 202 13.42 37.87 -10.65
N GLY B 203 12.17 38.25 -10.50
CA GLY B 203 11.65 39.49 -11.05
C GLY B 203 11.30 39.46 -12.55
N ASN B 204 11.74 38.49 -13.32
CA ASN B 204 11.43 38.44 -14.76
C ASN B 204 10.29 37.51 -15.20
N PRO B 205 9.26 38.07 -15.83
CA PRO B 205 8.11 37.31 -16.25
C PRO B 205 8.42 36.35 -17.38
N LEU B 206 7.65 35.29 -17.52
CA LEU B 206 7.82 34.37 -18.69
C LEU B 206 7.49 35.09 -19.99
N SER B 207 8.42 34.96 -20.93
CA SER B 207 8.28 35.48 -22.26
C SER B 207 7.05 34.89 -22.97
N THR B 208 6.33 35.78 -23.67
CA THR B 208 5.17 35.31 -24.40
C THR B 208 5.29 35.59 -25.89
N ILE B 209 4.52 34.84 -26.67
CA ILE B 209 3.61 34.94 -27.79
C ILE B 209 4.22 34.34 -29.07
N ILE C 2 19.66 4.36 0.24
CA ILE C 2 20.91 4.95 -0.43
C ILE C 2 22.03 3.95 -0.22
N VAL C 3 22.64 3.48 -1.33
CA VAL C 3 23.63 2.40 -1.17
C VAL C 3 24.84 2.88 -1.96
N THR C 4 25.97 3.04 -1.29
CA THR C 4 27.17 3.54 -1.89
C THR C 4 28.39 2.61 -1.75
N ASP C 5 28.29 1.42 -1.25
CA ASP C 5 29.41 0.44 -1.31
C ASP C 5 28.83 -0.95 -1.38
N ASN C 6 29.65 -1.97 -1.67
CA ASN C 6 29.19 -3.33 -1.92
C ASN C 6 28.11 -3.77 -0.95
N SER C 7 27.00 -4.26 -1.45
CA SER C 7 25.94 -4.66 -0.55
C SER C 7 25.01 -5.65 -1.24
N ILE C 8 24.48 -6.62 -0.58
CA ILE C 8 23.53 -7.54 -1.22
C ILE C 8 22.39 -7.73 -0.24
N GLY C 9 21.14 -7.65 -0.64
CA GLY C 9 20.02 -7.86 0.26
C GLY C 9 18.75 -7.94 -0.59
N ASN C 10 17.60 -7.85 0.06
CA ASN C 10 16.30 -7.86 -0.57
C ASN C 10 15.63 -6.53 -0.18
N HIS C 11 15.03 -5.91 -1.18
CA HIS C 11 14.28 -4.68 -0.97
C HIS C 11 12.97 -4.74 -1.76
N ASP C 12 11.87 -4.60 -1.02
CA ASP C 12 10.53 -4.58 -1.64
C ASP C 12 10.31 -5.84 -2.44
N GLY C 13 10.83 -6.98 -2.02
CA GLY C 13 10.60 -8.24 -2.68
C GLY C 13 11.61 -8.65 -3.74
N TYR C 14 12.45 -7.68 -4.10
CA TYR C 14 13.49 -7.96 -5.09
C TYR C 14 14.85 -8.09 -4.40
N ASP C 15 15.69 -8.97 -4.94
CA ASP C 15 17.07 -9.10 -4.43
C ASP C 15 17.91 -8.04 -5.13
N TYR C 16 18.48 -7.07 -4.39
CA TYR C 16 19.27 -6.06 -5.13
C TYR C 16 20.75 -6.32 -4.86
N GLU C 17 21.64 -5.79 -5.69
CA GLU C 17 23.01 -5.86 -5.26
C GLU C 17 23.73 -4.64 -5.80
N PHE C 18 24.63 -4.05 -5.04
CA PHE C 18 25.61 -3.05 -5.38
C PHE C 18 26.97 -3.70 -5.49
N TRP C 19 27.78 -3.59 -6.50
CA TRP C 19 29.14 -4.14 -6.57
C TRP C 19 30.07 -3.27 -7.37
N LYS C 20 31.26 -2.94 -6.86
CA LYS C 20 32.24 -2.21 -7.66
C LYS C 20 33.63 -2.66 -7.18
N ASP C 21 34.60 -2.54 -8.05
CA ASP C 21 35.98 -2.76 -7.53
C ASP C 21 36.47 -1.41 -7.04
N SER C 22 37.77 -1.26 -6.79
CA SER C 22 38.24 -0.02 -6.23
C SER C 22 38.36 1.09 -7.24
N GLY C 23 38.02 2.31 -6.83
CA GLY C 23 38.17 3.47 -7.69
C GLY C 23 36.81 4.15 -7.93
N GLY C 24 36.85 5.46 -7.92
CA GLY C 24 35.66 6.25 -8.23
C GLY C 24 34.56 5.96 -7.20
N SER C 25 33.33 6.29 -7.59
CA SER C 25 32.27 6.10 -6.60
C SER C 25 30.93 5.81 -7.27
N GLY C 26 30.00 5.17 -6.59
CA GLY C 26 28.68 4.92 -7.16
C GLY C 26 27.58 5.08 -6.13
N THR C 27 26.41 5.51 -6.61
CA THR C 27 25.26 5.61 -5.72
C THR C 27 24.04 4.90 -6.30
N MET C 28 23.39 3.98 -5.61
CA MET C 28 22.22 3.29 -6.07
C MET C 28 21.14 3.71 -5.08
N ILE C 29 19.95 4.01 -5.54
CA ILE C 29 18.84 4.36 -4.68
C ILE C 29 17.80 3.31 -4.92
N LEU C 30 17.43 2.54 -3.94
CA LEU C 30 16.43 1.50 -4.05
C LEU C 30 15.04 2.09 -4.03
N ASN C 31 14.22 1.88 -5.08
CA ASN C 31 12.87 2.40 -5.14
C ASN C 31 11.85 1.26 -5.15
N HIS C 32 10.54 1.55 -5.42
CA HIS C 32 9.56 0.49 -5.20
C HIS C 32 9.78 -0.71 -6.14
N GLY C 33 9.42 -1.87 -5.63
CA GLY C 33 9.51 -3.12 -6.38
C GLY C 33 10.90 -3.32 -7.00
N GLY C 34 10.93 -3.54 -8.32
CA GLY C 34 12.25 -3.73 -8.96
C GLY C 34 12.92 -2.48 -9.37
N THR C 35 12.42 -1.23 -9.09
CA THR C 35 13.02 -0.04 -9.66
C THR C 35 14.19 0.48 -8.85
N PHE C 36 15.10 1.24 -9.48
CA PHE C 36 16.22 1.80 -8.73
C PHE C 36 16.88 2.79 -9.61
N SER C 37 17.64 3.75 -9.08
CA SER C 37 18.40 4.65 -9.91
C SER C 37 19.90 4.39 -9.51
N ALA C 38 20.73 4.75 -10.46
CA ALA C 38 22.12 4.51 -10.30
C ALA C 38 22.88 5.71 -10.85
N GLN C 39 23.97 6.00 -10.19
CA GLN C 39 24.82 7.07 -10.68
C GLN C 39 26.27 6.65 -10.38
N TRP C 40 27.21 6.86 -11.26
CA TRP C 40 28.59 6.36 -11.04
C TRP C 40 29.56 7.40 -11.57
N ASN C 41 30.78 7.46 -11.03
CA ASN C 41 31.73 8.46 -11.46
C ASN C 41 33.17 7.96 -11.36
N ASN C 42 33.87 7.96 -12.50
CA ASN C 42 35.28 7.55 -12.55
C ASN C 42 35.53 6.18 -12.01
N VAL C 43 34.64 5.20 -12.27
CA VAL C 43 34.85 3.87 -11.70
C VAL C 43 35.66 3.02 -12.68
N ASN C 44 36.14 1.91 -12.16
CA ASN C 44 36.75 0.96 -13.05
C ASN C 44 35.66 0.03 -13.44
N ASN C 45 35.05 -0.71 -12.51
CA ASN C 45 33.87 -1.52 -12.95
C ASN C 45 32.85 -1.47 -11.87
N ILE C 46 31.58 -1.29 -12.26
CA ILE C 46 30.53 -1.22 -11.26
C ILE C 46 29.27 -1.83 -11.88
N LEU C 47 28.50 -2.47 -11.07
CA LEU C 47 27.24 -3.07 -11.42
C LEU C 47 26.17 -2.67 -10.42
N PHE C 48 24.97 -2.38 -10.86
CA PHE C 48 23.79 -2.21 -10.01
C PHE C 48 22.64 -3.06 -10.55
N ARG C 49 21.88 -3.72 -9.65
CA ARG C 49 20.86 -4.52 -10.31
C ARG C 49 19.78 -4.99 -9.32
N LYS C 50 18.61 -5.34 -9.88
CA LYS C 50 17.54 -5.87 -9.05
C LYS C 50 16.79 -7.02 -9.73
N GLY C 51 16.64 -8.16 -9.06
CA GLY C 51 15.92 -9.27 -9.66
C GLY C 51 15.69 -10.39 -8.67
N LYS C 52 16.10 -11.61 -9.03
CA LYS C 52 15.95 -12.70 -8.08
C LYS C 52 17.20 -13.61 -7.97
N LYS C 53 17.65 -13.89 -6.75
CA LYS C 53 18.76 -14.77 -6.44
C LYS C 53 18.15 -16.14 -6.19
N PHE C 54 18.81 -17.21 -6.66
CA PHE C 54 18.21 -18.54 -6.39
C PHE C 54 19.11 -19.38 -5.52
N ASN C 55 18.65 -20.55 -5.07
CA ASN C 55 19.48 -21.34 -4.17
C ASN C 55 20.34 -22.35 -4.85
N GLU C 56 20.71 -22.16 -6.13
CA GLU C 56 21.71 -23.02 -6.75
C GLU C 56 21.30 -24.48 -6.80
N THR C 57 19.99 -24.75 -6.96
CA THR C 57 19.61 -26.17 -7.05
C THR C 57 18.79 -26.45 -8.28
N GLN C 58 18.25 -25.45 -9.00
CA GLN C 58 17.46 -25.75 -10.17
C GLN C 58 18.05 -25.29 -11.51
N THR C 59 17.93 -25.98 -12.61
CA THR C 59 18.30 -25.48 -13.93
C THR C 59 17.30 -24.40 -14.29
N HIS C 60 17.56 -23.56 -15.28
CA HIS C 60 16.58 -22.54 -15.70
C HIS C 60 15.25 -23.26 -16.00
N GLN C 61 15.27 -24.40 -16.71
CA GLN C 61 14.01 -25.10 -16.95
C GLN C 61 13.24 -25.38 -15.66
N GLN C 62 13.85 -25.92 -14.62
CA GLN C 62 13.17 -26.21 -13.38
C GLN C 62 12.67 -24.93 -12.71
N VAL C 63 13.38 -23.82 -12.86
CA VAL C 63 12.86 -22.56 -12.25
C VAL C 63 11.58 -22.23 -13.01
N GLY C 64 11.64 -22.28 -14.33
CA GLY C 64 10.44 -21.95 -15.09
C GLY C 64 10.68 -20.81 -16.04
N ASN C 65 9.64 -20.43 -16.75
CA ASN C 65 9.78 -19.36 -17.73
C ASN C 65 10.15 -18.05 -17.05
N MET C 66 11.16 -17.37 -17.53
CA MET C 66 11.55 -16.09 -16.93
C MET C 66 11.40 -14.96 -17.93
N SER C 67 10.68 -13.92 -17.53
CA SER C 67 10.46 -12.81 -18.46
C SER C 67 10.51 -11.49 -17.64
N ILE C 68 11.18 -10.51 -18.18
CA ILE C 68 11.37 -9.23 -17.56
C ILE C 68 10.77 -8.14 -18.44
N ASN C 69 9.96 -7.35 -17.75
CA ASN C 69 9.36 -6.17 -18.30
C ASN C 69 10.11 -4.96 -17.75
N TYR C 70 10.75 -4.08 -18.44
CA TYR C 70 11.45 -2.99 -17.85
C TYR C 70 11.44 -1.67 -18.63
N GLY C 71 12.02 -0.62 -18.04
CA GLY C 71 12.17 0.66 -18.74
C GLY C 71 13.18 1.47 -17.92
N ALA C 72 14.07 2.14 -18.58
CA ALA C 72 15.03 2.97 -17.95
C ALA C 72 15.32 4.20 -18.77
N ASN C 73 15.63 5.26 -18.00
CA ASN C 73 16.17 6.49 -18.63
C ASN C 73 17.69 6.24 -18.50
N PHE C 74 18.34 5.92 -19.59
CA PHE C 74 19.75 5.47 -19.50
C PHE C 74 20.69 6.51 -20.01
N GLN C 75 21.55 7.09 -19.17
CA GLN C 75 22.44 8.16 -19.64
C GLN C 75 23.92 7.92 -19.34
N PRO C 76 24.55 6.95 -19.96
CA PRO C 76 25.97 6.70 -19.77
C PRO C 76 26.77 7.87 -20.34
N ASN C 77 27.94 8.17 -19.79
CA ASN C 77 28.81 9.17 -20.36
C ASN C 77 30.03 8.48 -20.92
N GLY C 78 30.01 7.17 -21.06
CA GLY C 78 31.10 6.39 -21.59
C GLY C 78 30.62 4.95 -21.62
N ASN C 79 31.51 4.02 -21.39
CA ASN C 79 31.07 2.60 -21.60
C ASN C 79 30.16 2.13 -20.53
N ALA C 80 29.10 1.40 -20.81
CA ALA C 80 28.15 0.97 -19.80
C ALA C 80 27.12 0.11 -20.56
N TYR C 81 26.40 -0.74 -19.85
CA TYR C 81 25.44 -1.62 -20.48
C TYR C 81 24.13 -1.58 -19.68
N LEU C 82 23.03 -1.63 -20.37
CA LEU C 82 21.71 -1.70 -19.75
C LEU C 82 21.29 -3.13 -20.10
N CYS C 83 21.22 -4.06 -19.19
CA CYS C 83 20.95 -5.45 -19.55
C CYS C 83 20.22 -6.24 -18.51
N VAL C 84 20.02 -7.54 -18.89
CA VAL C 84 19.55 -8.52 -17.94
C VAL C 84 20.88 -9.32 -17.72
N TYR C 85 21.25 -9.61 -16.50
CA TYR C 85 22.52 -10.24 -16.20
C TYR C 85 22.27 -11.25 -15.09
N GLY C 86 23.17 -12.25 -15.01
CA GLY C 86 22.95 -13.22 -13.91
C GLY C 86 24.06 -14.24 -13.97
N TRP C 87 23.91 -15.34 -13.22
CA TRP C 87 24.90 -16.40 -12.99
C TRP C 87 24.25 -17.78 -12.97
N THR C 88 25.00 -18.82 -13.44
CA THR C 88 24.63 -20.12 -12.98
C THR C 88 25.84 -20.64 -12.28
N VAL C 89 25.78 -21.78 -11.63
CA VAL C 89 26.83 -22.48 -10.92
C VAL C 89 26.81 -23.95 -11.42
N ASP C 90 28.01 -24.50 -11.53
CA ASP C 90 28.25 -25.86 -12.00
C ASP C 90 27.66 -26.18 -13.35
N PRO C 91 28.10 -25.54 -14.42
CA PRO C 91 29.26 -24.70 -14.39
C PRO C 91 28.99 -23.22 -14.00
N LEU C 92 30.05 -22.59 -13.58
CA LEU C 92 30.04 -21.17 -13.19
C LEU C 92 30.11 -20.35 -14.51
N VAL C 93 29.02 -19.66 -14.80
CA VAL C 93 28.86 -18.81 -16.00
C VAL C 93 28.14 -17.48 -15.59
N ALA C 94 28.63 -16.36 -16.08
CA ALA C 94 28.05 -15.06 -16.00
C ALA C 94 27.34 -14.86 -17.35
N TYR C 95 26.12 -14.31 -17.30
CA TYR C 95 25.49 -14.17 -18.65
C TYR C 95 24.95 -12.75 -18.73
N TYR C 96 24.79 -12.23 -19.95
CA TYR C 96 24.24 -10.94 -20.24
C TYR C 96 23.32 -10.96 -21.49
N ILE C 97 22.17 -10.25 -21.39
CA ILE C 97 21.29 -9.92 -22.48
C ILE C 97 21.22 -8.41 -22.61
N VAL C 98 21.99 -7.86 -23.54
CA VAL C 98 22.24 -6.43 -23.57
C VAL C 98 21.27 -5.72 -24.54
N ASP C 99 20.49 -4.77 -24.05
CA ASP C 99 19.57 -4.01 -24.91
C ASP C 99 20.10 -2.62 -25.20
N SER C 100 20.96 -2.07 -24.33
CA SER C 100 21.58 -0.77 -24.71
C SER C 100 22.98 -0.67 -24.16
N TRP C 101 23.82 0.22 -24.68
CA TRP C 101 25.20 0.39 -24.29
C TRP C 101 25.55 1.84 -24.53
N GLY C 102 26.77 2.17 -24.18
CA GLY C 102 27.24 3.57 -24.29
C GLY C 102 27.91 3.65 -25.65
N ASN C 103 29.23 3.95 -25.65
CA ASN C 103 29.92 4.06 -26.94
C ASN C 103 30.42 2.75 -27.56
N TRP C 104 30.67 1.73 -26.77
CA TRP C 104 31.16 0.47 -27.38
C TRP C 104 30.16 -0.70 -27.23
N ARG C 105 29.79 -1.30 -28.35
CA ARG C 105 28.87 -2.41 -28.33
C ARG C 105 29.64 -3.64 -27.92
N PRO C 106 29.41 -4.24 -26.75
CA PRO C 106 30.11 -5.42 -26.34
C PRO C 106 29.70 -6.68 -27.10
N PRO C 107 30.46 -7.76 -27.04
CA PRO C 107 31.63 -7.86 -26.17
C PRO C 107 32.96 -7.93 -26.90
N GLY C 108 32.99 -7.55 -28.13
CA GLY C 108 34.21 -7.53 -28.93
C GLY C 108 34.61 -8.90 -29.44
N ALA C 109 33.78 -9.93 -29.55
CA ALA C 109 34.25 -11.22 -30.03
C ALA C 109 33.50 -11.57 -31.33
N THR C 110 33.75 -12.75 -31.85
CA THR C 110 33.12 -13.28 -33.06
C THR C 110 31.75 -13.85 -32.73
N PRO C 111 30.64 -13.45 -33.34
CA PRO C 111 29.32 -13.97 -33.00
C PRO C 111 29.25 -15.47 -33.30
N LYS C 112 28.60 -16.21 -32.39
CA LYS C 112 28.41 -17.63 -32.64
C LYS C 112 27.07 -17.89 -33.32
N GLY C 113 26.21 -16.83 -33.34
CA GLY C 113 24.87 -17.07 -34.00
C GLY C 113 23.96 -15.89 -33.66
N THR C 114 22.66 -15.98 -33.88
CA THR C 114 21.73 -14.89 -33.65
C THR C 114 20.40 -15.39 -33.09
N ILE C 115 19.78 -14.58 -32.22
CA ILE C 115 18.42 -14.98 -31.95
C ILE C 115 17.53 -13.78 -32.13
N THR C 116 16.41 -14.02 -32.80
CA THR C 116 15.46 -12.93 -33.14
C THR C 116 14.31 -13.08 -32.16
N VAL C 117 14.13 -12.10 -31.27
CA VAL C 117 13.10 -12.24 -30.24
C VAL C 117 12.75 -10.86 -29.65
N ASP C 118 11.60 -10.74 -29.03
CA ASP C 118 11.26 -9.41 -28.45
C ASP C 118 11.40 -8.24 -29.41
N GLY C 119 11.09 -8.36 -30.70
CA GLY C 119 11.12 -7.28 -31.65
C GLY C 119 12.48 -6.92 -32.19
N GLY C 120 13.56 -7.64 -31.80
CA GLY C 120 14.87 -7.25 -32.35
C GLY C 120 15.69 -8.43 -32.79
N THR C 121 16.97 -8.15 -33.16
CA THR C 121 17.88 -9.25 -33.48
C THR C 121 19.11 -9.14 -32.55
N TYR C 122 19.47 -10.28 -31.93
CA TYR C 122 20.65 -10.24 -31.03
C TYR C 122 21.78 -11.12 -31.55
N ASP C 123 23.02 -10.68 -31.53
CA ASP C 123 24.18 -11.49 -31.80
C ASP C 123 24.51 -12.24 -30.51
N ILE C 124 24.90 -13.49 -30.65
CA ILE C 124 25.24 -14.37 -29.56
C ILE C 124 26.73 -14.56 -29.45
N TYR C 125 27.23 -14.36 -28.22
CA TYR C 125 28.71 -14.50 -28.10
C TYR C 125 29.08 -15.35 -26.88
N GLU C 126 30.37 -15.70 -26.80
CA GLU C 126 30.82 -16.46 -25.65
C GLU C 126 32.25 -15.99 -25.35
N THR C 127 32.50 -15.42 -24.18
CA THR C 127 33.87 -14.97 -23.91
C THR C 127 34.35 -15.71 -22.64
N LEU C 128 35.63 -15.49 -22.32
CA LEU C 128 36.28 -16.14 -21.20
C LEU C 128 36.88 -15.11 -20.25
N ARG C 129 36.72 -15.33 -18.96
CA ARG C 129 37.34 -14.40 -17.98
C ARG C 129 38.29 -15.31 -17.16
N VAL C 130 39.50 -14.86 -16.98
CA VAL C 130 40.56 -15.68 -16.35
C VAL C 130 40.96 -15.06 -15.01
N ASN C 131 40.78 -15.80 -13.92
CA ASN C 131 41.06 -15.33 -12.60
C ASN C 131 40.58 -13.94 -12.33
N GLN C 132 39.27 -13.69 -12.40
CA GLN C 132 38.68 -12.38 -12.17
C GLN C 132 37.72 -12.61 -11.04
N PRO C 133 37.25 -11.55 -10.39
CA PRO C 133 36.19 -11.68 -9.42
C PRO C 133 34.97 -12.34 -10.05
N SER C 134 34.19 -12.98 -9.17
CA SER C 134 32.98 -13.64 -9.50
C SER C 134 32.20 -13.90 -8.22
N ILE C 135 31.01 -14.42 -8.39
CA ILE C 135 30.12 -14.80 -7.29
C ILE C 135 30.73 -15.88 -6.43
N LYS C 136 31.70 -16.63 -6.89
CA LYS C 136 32.40 -17.59 -6.05
C LYS C 136 33.84 -17.18 -5.84
N GLY C 137 34.22 -15.88 -5.83
CA GLY C 137 35.66 -15.58 -5.65
C GLY C 137 36.43 -15.53 -6.98
N ILE C 138 37.73 -15.34 -6.89
CA ILE C 138 38.65 -15.20 -8.01
C ILE C 138 38.55 -16.48 -8.83
N ALA C 139 38.11 -16.40 -10.07
CA ALA C 139 37.90 -17.61 -10.83
C ALA C 139 38.05 -17.50 -12.35
N THR C 140 38.06 -18.67 -13.02
CA THR C 140 38.03 -18.68 -14.48
C THR C 140 36.66 -19.16 -14.93
N PHE C 141 35.99 -18.48 -15.86
CA PHE C 141 34.63 -18.84 -16.18
C PHE C 141 34.26 -18.21 -17.53
N LYS C 142 33.21 -18.76 -18.08
CA LYS C 142 32.75 -18.20 -19.36
C LYS C 142 31.72 -17.10 -19.12
N GLN C 143 31.52 -16.25 -20.11
CA GLN C 143 30.42 -15.32 -20.14
C GLN C 143 29.74 -15.57 -21.49
N TYR C 144 28.44 -15.67 -21.40
CA TYR C 144 27.52 -15.78 -22.49
C TYR C 144 26.77 -14.47 -22.72
N TRP C 145 26.67 -14.10 -24.01
CA TRP C 145 26.06 -12.84 -24.35
C TRP C 145 25.05 -12.98 -25.49
N SER C 146 24.02 -12.18 -25.44
CA SER C 146 23.09 -11.82 -26.51
C SER C 146 23.06 -10.28 -26.52
N VAL C 147 23.53 -9.69 -27.62
CA VAL C 147 23.61 -8.24 -27.72
C VAL C 147 22.70 -7.75 -28.85
N ARG C 148 21.75 -6.90 -28.49
CA ARG C 148 20.78 -6.36 -29.43
C ARG C 148 21.50 -5.65 -30.55
N ARG C 149 21.02 -5.67 -31.78
CA ARG C 149 21.73 -5.01 -32.88
C ARG C 149 21.41 -3.52 -32.88
N SER C 150 20.32 -3.12 -32.23
CA SER C 150 20.16 -1.67 -32.14
C SER C 150 19.63 -1.44 -30.73
N LYS C 151 20.05 -0.30 -30.17
CA LYS C 151 19.75 0.04 -28.80
C LYS C 151 18.26 0.25 -28.56
N ARG C 152 17.88 -0.04 -27.33
CA ARG C 152 16.53 0.29 -26.88
C ARG C 152 16.64 0.31 -25.33
N THR C 153 15.82 1.13 -24.70
CA THR C 153 15.84 1.26 -23.23
C THR C 153 14.52 0.93 -22.59
N SER C 154 13.60 0.20 -23.26
CA SER C 154 12.40 -0.29 -22.58
C SER C 154 11.79 -1.43 -23.40
N GLY C 155 11.11 -2.37 -22.68
CA GLY C 155 10.45 -3.44 -23.40
C GLY C 155 10.32 -4.68 -22.55
N THR C 156 10.12 -5.81 -23.26
CA THR C 156 10.10 -7.09 -22.59
C THR C 156 11.36 -7.89 -23.04
N ILE C 157 11.91 -8.55 -22.03
CA ILE C 157 13.10 -9.37 -22.23
C ILE C 157 12.74 -10.79 -21.86
N SER C 158 12.48 -11.58 -22.97
CA SER C 158 12.12 -12.98 -22.77
C SER C 158 13.36 -13.82 -22.47
N VAL C 159 13.76 -13.81 -21.18
CA VAL C 159 15.01 -14.39 -20.75
C VAL C 159 15.12 -15.87 -21.11
N SER C 160 14.13 -16.72 -20.80
CA SER C 160 14.25 -18.13 -21.12
C SER C 160 14.50 -18.42 -22.62
N ASN C 161 13.99 -17.58 -23.51
CA ASN C 161 14.24 -17.77 -24.92
C ASN C 161 15.75 -17.60 -25.16
N HIS C 162 16.42 -16.63 -24.60
CA HIS C 162 17.87 -16.49 -24.84
C HIS C 162 18.58 -17.67 -24.19
N PHE C 163 18.16 -18.16 -23.05
CA PHE C 163 18.84 -19.38 -22.47
C PHE C 163 18.72 -20.54 -23.47
N ARG C 164 17.51 -20.76 -24.04
CA ARG C 164 17.35 -21.88 -24.99
C ARG C 164 18.26 -21.77 -26.21
N ALA C 165 18.35 -20.61 -26.81
CA ALA C 165 19.19 -20.35 -27.97
C ALA C 165 20.63 -20.69 -27.58
N TRP C 166 21.13 -20.15 -26.43
CA TRP C 166 22.52 -20.46 -26.11
C TRP C 166 22.65 -21.97 -25.94
N GLU C 167 21.69 -22.64 -25.28
CA GLU C 167 21.87 -24.11 -25.13
C GLU C 167 21.80 -24.77 -26.50
N ASN C 168 20.98 -24.20 -27.40
CA ASN C 168 20.91 -24.74 -28.78
C ASN C 168 22.23 -24.61 -29.51
N LEU C 169 23.10 -23.65 -29.18
CA LEU C 169 24.39 -23.54 -29.83
C LEU C 169 25.41 -24.38 -29.08
N GLY C 170 25.01 -25.12 -28.09
CA GLY C 170 25.94 -25.91 -27.29
C GLY C 170 26.42 -25.21 -26.02
N MET C 171 26.04 -23.98 -25.68
CA MET C 171 26.64 -23.33 -24.49
C MET C 171 25.95 -23.90 -23.27
N ASN C 172 26.66 -24.59 -22.37
CA ASN C 172 26.10 -25.21 -21.23
C ASN C 172 25.72 -24.26 -20.09
N MET C 173 24.57 -24.47 -19.48
CA MET C 173 24.20 -23.69 -18.29
C MET C 173 24.07 -24.54 -17.03
N GLY C 174 24.43 -24.06 -15.86
CA GLY C 174 24.29 -24.77 -14.62
C GLY C 174 22.99 -24.43 -13.88
N LYS C 175 23.05 -24.61 -12.57
CA LYS C 175 21.96 -24.32 -11.69
C LYS C 175 21.90 -22.79 -11.58
N MET C 176 20.70 -22.27 -11.59
CA MET C 176 20.47 -20.84 -11.49
C MET C 176 20.97 -20.22 -10.16
N TYR C 177 21.69 -19.10 -10.29
CA TYR C 177 22.10 -18.38 -9.06
C TYR C 177 21.39 -17.01 -9.04
N GLU C 178 21.18 -16.44 -10.24
CA GLU C 178 20.55 -15.13 -10.30
C GLU C 178 20.09 -14.73 -11.69
N VAL C 179 19.07 -13.87 -11.75
CA VAL C 179 18.62 -13.23 -13.00
C VAL C 179 18.22 -11.79 -12.58
N ALA C 180 18.68 -10.73 -13.22
CA ALA C 180 18.43 -9.38 -12.75
C ALA C 180 18.61 -8.30 -13.79
N LEU C 181 17.70 -7.35 -13.82
CA LEU C 181 17.82 -6.16 -14.66
C LEU C 181 19.01 -5.40 -14.08
N THR C 182 20.03 -5.11 -14.85
CA THR C 182 21.31 -4.59 -14.42
C THR C 182 21.81 -3.42 -15.23
N VAL C 183 22.49 -2.51 -14.48
CA VAL C 183 23.16 -1.37 -15.12
C VAL C 183 24.66 -1.51 -14.77
N GLU C 184 25.53 -1.58 -15.74
CA GLU C 184 26.93 -1.72 -15.49
C GLU C 184 27.67 -0.55 -16.11
N GLY C 185 28.71 -0.07 -15.46
CA GLY C 185 29.56 0.96 -16.04
C GLY C 185 31.01 0.45 -16.06
N TYR C 186 31.74 0.85 -17.07
CA TYR C 186 33.15 0.45 -17.19
C TYR C 186 34.01 1.66 -17.50
N GLN C 187 34.91 1.99 -16.59
CA GLN C 187 35.85 3.11 -16.80
C GLN C 187 35.16 4.35 -17.36
N SER C 188 34.11 4.75 -16.69
CA SER C 188 33.38 5.93 -17.14
C SER C 188 32.60 6.45 -15.94
N SER C 189 31.70 7.36 -16.21
CA SER C 189 30.71 7.99 -15.40
C SER C 189 29.32 7.95 -16.05
N GLY C 190 28.25 8.08 -15.23
CA GLY C 190 26.94 8.11 -15.94
C GLY C 190 25.84 8.05 -14.93
N SER C 191 24.63 7.81 -15.38
CA SER C 191 23.51 7.67 -14.48
C SER C 191 22.40 6.93 -15.23
N ALA C 192 21.49 6.36 -14.45
CA ALA C 192 20.38 5.66 -15.09
C ALA C 192 19.29 5.59 -14.05
N ASN C 193 18.03 5.71 -14.51
CA ASN C 193 16.92 5.51 -13.60
C ASN C 193 16.08 4.37 -14.18
N VAL C 194 15.99 3.29 -13.42
CA VAL C 194 15.26 2.11 -13.89
C VAL C 194 13.84 2.33 -13.37
N TYR C 195 13.02 2.96 -14.21
CA TYR C 195 11.68 3.30 -13.67
C TYR C 195 10.69 2.17 -13.73
N SER C 196 11.05 1.07 -14.45
CA SER C 196 10.18 -0.08 -14.46
C SER C 196 11.02 -1.37 -14.53
N ASN C 197 10.67 -2.40 -13.83
CA ASN C 197 11.41 -3.63 -13.74
C ASN C 197 10.54 -4.64 -13.01
N THR C 198 9.88 -5.53 -13.75
CA THR C 198 9.08 -6.58 -13.15
C THR C 198 9.57 -7.92 -13.72
N LEU C 199 9.95 -8.81 -12.83
CA LEU C 199 10.40 -10.13 -13.22
C LEU C 199 9.19 -11.04 -13.01
N ARG C 200 8.75 -11.77 -14.04
CA ARG C 200 7.73 -12.76 -13.89
C ARG C 200 8.34 -14.17 -14.03
N ILE C 201 7.98 -15.09 -13.14
CA ILE C 201 8.43 -16.47 -13.19
C ILE C 201 7.19 -17.34 -13.42
N ASN C 202 7.11 -17.94 -14.59
CA ASN C 202 5.93 -18.68 -15.05
C ASN C 202 4.71 -17.75 -15.02
N GLY C 203 4.81 -16.54 -15.55
CA GLY C 203 3.75 -15.55 -15.55
C GLY C 203 3.46 -14.78 -14.27
N ASN C 204 3.97 -15.17 -13.12
CA ASN C 204 3.72 -14.51 -11.85
C ASN C 204 4.85 -13.58 -11.39
N PRO C 205 4.49 -12.32 -11.21
CA PRO C 205 5.44 -11.31 -10.83
C PRO C 205 6.00 -11.64 -9.44
N LEU C 206 7.26 -11.37 -9.14
CA LEU C 206 7.77 -11.54 -7.78
C LEU C 206 6.87 -10.74 -6.83
N SER C 207 6.58 -11.31 -5.66
CA SER C 207 5.70 -10.54 -4.77
C SER C 207 6.45 -9.59 -3.86
N ILE D 2 -5.64 -18.82 2.01
CA ILE D 2 -6.16 -20.02 2.79
C ILE D 2 -5.14 -21.11 2.80
N VAL D 3 -4.73 -21.55 3.97
CA VAL D 3 -3.73 -22.61 4.09
C VAL D 3 -4.30 -23.76 4.92
N THR D 4 -4.32 -24.98 4.37
CA THR D 4 -4.86 -26.09 5.13
C THR D 4 -3.85 -27.24 5.28
N ASP D 5 -2.62 -27.08 4.91
CA ASP D 5 -1.68 -28.08 5.37
C ASP D 5 -0.30 -27.49 5.51
N ASN D 6 0.71 -28.19 6.02
CA ASN D 6 1.97 -27.59 6.39
C ASN D 6 2.59 -26.74 5.31
N SER D 7 2.91 -25.51 5.72
CA SER D 7 3.44 -24.56 4.80
C SER D 7 4.22 -23.48 5.55
N ILE D 8 5.30 -23.08 4.93
CA ILE D 8 6.19 -22.08 5.51
C ILE D 8 6.41 -20.98 4.49
N GLY D 9 6.20 -19.72 4.80
CA GLY D 9 6.47 -18.69 3.80
C GLY D 9 6.45 -17.32 4.45
N ASN D 10 6.45 -16.28 3.63
CA ASN D 10 6.35 -14.88 4.11
C ASN D 10 5.08 -14.25 3.61
N HIS D 11 4.16 -13.65 4.31
CA HIS D 11 2.93 -13.05 3.84
C HIS D 11 2.88 -11.62 4.41
N ASP D 12 2.83 -10.63 3.51
CA ASP D 12 2.68 -9.24 3.91
C ASP D 12 3.79 -8.82 4.89
N GLY D 13 5.01 -9.23 4.73
CA GLY D 13 6.15 -8.86 5.57
C GLY D 13 6.45 -9.87 6.68
N TYR D 14 5.47 -10.64 7.11
CA TYR D 14 5.65 -11.56 8.24
C TYR D 14 5.92 -12.99 7.83
N ASP D 15 6.77 -13.71 8.56
CA ASP D 15 6.97 -15.12 8.27
C ASP D 15 5.82 -15.90 8.89
N TYR D 16 5.02 -16.59 8.04
CA TYR D 16 3.95 -17.35 8.67
C TYR D 16 4.25 -18.83 8.62
N GLU D 17 3.58 -19.61 9.48
CA GLU D 17 3.68 -21.03 9.28
C GLU D 17 2.42 -21.69 9.80
N PHE D 18 2.09 -22.76 9.04
CA PHE D 18 1.09 -23.75 9.33
C PHE D 18 1.77 -25.04 9.70
N TRP D 19 1.65 -25.69 10.87
CA TRP D 19 2.18 -27.01 11.12
C TRP D 19 1.24 -27.91 11.89
N LYS D 20 1.00 -29.17 11.49
CA LYS D 20 0.21 -30.07 12.28
C LYS D 20 0.79 -31.49 12.02
N ASP D 21 0.42 -32.41 12.89
CA ASP D 21 0.88 -33.77 12.64
C ASP D 21 -0.35 -34.43 12.06
N SER D 22 -0.43 -35.77 11.95
CA SER D 22 -1.61 -36.30 11.26
C SER D 22 -2.80 -36.40 12.18
N GLY D 23 -3.95 -36.30 11.56
CA GLY D 23 -5.26 -36.42 12.24
C GLY D 23 -5.97 -35.05 12.21
N GLY D 24 -7.25 -35.07 11.94
CA GLY D 24 -8.07 -33.86 12.01
C GLY D 24 -7.76 -32.89 10.92
N SER D 25 -8.19 -31.64 11.07
CA SER D 25 -7.92 -30.64 10.05
C SER D 25 -7.66 -29.28 10.70
N GLY D 26 -7.19 -28.39 9.85
CA GLY D 26 -6.89 -27.02 10.21
C GLY D 26 -7.05 -26.18 8.94
N THR D 27 -7.39 -24.93 9.26
CA THR D 27 -7.45 -23.86 8.30
C THR D 27 -6.91 -22.55 8.86
N MET D 28 -5.87 -22.07 8.23
CA MET D 28 -5.32 -20.78 8.60
C MET D 28 -5.69 -19.78 7.49
N ILE D 29 -6.16 -18.58 7.79
CA ILE D 29 -6.36 -17.54 6.81
C ILE D 29 -5.37 -16.42 7.03
N LEU D 30 -4.54 -16.08 6.04
CA LEU D 30 -3.52 -15.07 6.24
C LEU D 30 -4.09 -13.69 5.96
N ASN D 31 -4.18 -12.81 6.95
CA ASN D 31 -4.68 -11.46 6.76
C ASN D 31 -3.56 -10.41 6.80
N HIS D 32 -3.85 -9.12 6.83
CA HIS D 32 -2.85 -8.07 6.63
C HIS D 32 -1.81 -8.08 7.78
N GLY D 33 -0.62 -7.66 7.45
CA GLY D 33 0.50 -7.58 8.40
C GLY D 33 0.72 -8.92 9.13
N GLY D 34 0.75 -8.94 10.47
CA GLY D 34 0.91 -10.20 11.16
C GLY D 34 -0.44 -10.75 11.56
N THR D 35 -1.59 -10.36 11.00
CA THR D 35 -2.81 -10.94 11.54
C THR D 35 -3.20 -12.22 10.78
N PHE D 36 -4.04 -13.07 11.36
CA PHE D 36 -4.49 -14.25 10.71
C PHE D 36 -5.64 -14.89 11.53
N SER D 37 -6.44 -15.78 10.96
CA SER D 37 -7.40 -16.49 11.78
C SER D 37 -7.07 -17.97 11.63
N ALA D 38 -7.49 -18.74 12.61
CA ALA D 38 -7.17 -20.17 12.64
C ALA D 38 -8.38 -20.92 13.13
N GLN D 39 -8.59 -22.10 12.52
CA GLN D 39 -9.72 -22.96 12.94
C GLN D 39 -9.15 -24.39 12.96
N TRP D 40 -9.48 -25.23 13.91
CA TRP D 40 -8.93 -26.60 13.90
C TRP D 40 -9.98 -27.54 14.47
N ASN D 41 -9.93 -28.81 14.02
CA ASN D 41 -10.94 -29.76 14.49
C ASN D 41 -10.34 -31.14 14.66
N ASN D 42 -10.61 -31.71 15.83
CA ASN D 42 -10.10 -33.05 16.18
C ASN D 42 -8.64 -33.25 15.81
N VAL D 43 -7.71 -32.32 16.15
CA VAL D 43 -6.32 -32.53 15.75
C VAL D 43 -5.58 -33.27 16.86
N ASN D 44 -4.40 -33.73 16.58
CA ASN D 44 -3.54 -34.23 17.66
C ASN D 44 -2.73 -33.02 18.05
N ASN D 45 -1.94 -32.44 17.11
CA ASN D 45 -1.21 -31.18 17.53
C ASN D 45 -1.18 -30.26 16.31
N ILE D 46 -1.46 -28.98 16.49
CA ILE D 46 -1.39 -28.04 15.43
C ILE D 46 -0.93 -26.68 15.95
N LEU D 47 -0.16 -26.00 15.10
CA LEU D 47 0.30 -24.67 15.43
C LEU D 47 0.05 -23.72 14.24
N PHE D 48 -0.34 -22.49 14.50
CA PHE D 48 -0.51 -21.46 13.49
C PHE D 48 0.22 -20.21 14.01
N ARG D 49 0.97 -19.53 13.12
CA ARG D 49 1.71 -18.40 13.64
C ARG D 49 2.22 -17.43 12.59
N LYS D 50 2.51 -16.21 13.00
CA LYS D 50 3.07 -15.16 12.18
C LYS D 50 4.05 -14.34 13.00
N GLY D 51 5.27 -14.16 12.51
CA GLY D 51 6.27 -13.35 13.21
C GLY D 51 7.52 -13.19 12.37
N LYS D 52 8.66 -13.62 12.92
CA LYS D 52 9.90 -13.45 12.15
C LYS D 52 10.83 -14.64 12.29
N LYS D 53 11.34 -15.19 11.21
CA LYS D 53 12.31 -16.25 11.19
C LYS D 53 13.69 -15.62 10.97
N PHE D 54 14.73 -16.06 11.63
CA PHE D 54 16.06 -15.53 11.55
C PHE D 54 16.97 -16.60 10.94
N ASN D 55 18.15 -16.17 10.53
CA ASN D 55 19.07 -17.11 9.90
C ASN D 55 20.00 -17.75 10.89
N GLU D 56 19.68 -17.98 12.14
CA GLU D 56 20.48 -18.81 13.05
C GLU D 56 21.89 -18.30 13.30
N THR D 57 22.13 -16.99 13.26
CA THR D 57 23.49 -16.54 13.51
C THR D 57 23.56 -15.60 14.70
N GLN D 58 22.47 -15.07 15.20
CA GLN D 58 22.56 -14.09 16.30
C GLN D 58 21.89 -14.50 17.59
N THR D 59 22.46 -14.04 18.71
CA THR D 59 21.79 -14.28 20.00
C THR D 59 20.62 -13.31 20.01
N HIS D 60 19.68 -13.48 20.91
CA HIS D 60 18.56 -12.56 21.04
C HIS D 60 19.15 -11.16 21.28
N GLN D 61 20.21 -11.08 22.12
CA GLN D 61 20.82 -9.79 22.40
C GLN D 61 21.27 -9.14 21.08
N GLN D 62 21.95 -9.87 20.23
CA GLN D 62 22.36 -9.31 18.96
C GLN D 62 21.16 -8.99 18.06
N VAL D 63 20.05 -9.73 18.06
CA VAL D 63 18.88 -9.37 17.26
C VAL D 63 18.41 -8.01 17.79
N GLY D 64 18.31 -7.86 19.13
CA GLY D 64 17.87 -6.59 19.70
C GLY D 64 16.56 -6.80 20.43
N ASN D 65 16.03 -5.73 20.96
CA ASN D 65 14.87 -5.75 21.81
C ASN D 65 13.71 -6.30 21.03
N MET D 66 13.03 -7.34 21.58
CA MET D 66 11.89 -7.81 20.79
C MET D 66 10.62 -7.55 21.56
N SER D 67 9.57 -7.08 20.87
CA SER D 67 8.34 -6.80 21.59
C SER D 67 7.12 -6.96 20.70
N ILE D 68 6.08 -7.64 21.13
CA ILE D 68 4.88 -7.88 20.34
C ILE D 68 3.66 -7.20 20.97
N ASN D 69 2.93 -6.57 20.05
CA ASN D 69 1.68 -5.91 20.34
C ASN D 69 0.59 -6.77 19.76
N TYR D 70 -0.41 -7.37 20.40
CA TYR D 70 -1.34 -8.25 19.79
C TYR D 70 -2.76 -8.21 20.38
N GLY D 71 -3.70 -8.85 19.68
CA GLY D 71 -5.06 -8.97 20.25
C GLY D 71 -5.67 -10.15 19.45
N ALA D 72 -6.44 -10.93 20.18
CA ALA D 72 -7.07 -12.07 19.58
C ALA D 72 -8.39 -12.42 20.20
N ASN D 73 -9.24 -12.96 19.31
CA ASN D 73 -10.45 -13.47 19.84
C ASN D 73 -10.26 -14.94 19.90
N PHE D 74 -10.07 -15.50 21.07
CA PHE D 74 -9.54 -16.83 21.30
C PHE D 74 -10.59 -17.79 21.82
N GLN D 75 -11.01 -18.79 21.03
CA GLN D 75 -12.12 -19.67 21.42
C GLN D 75 -11.87 -21.15 21.31
N PRO D 76 -10.93 -21.66 22.09
CA PRO D 76 -10.54 -23.04 22.22
C PRO D 76 -11.74 -23.88 22.61
N ASN D 77 -11.95 -25.08 22.10
CA ASN D 77 -13.01 -25.92 22.64
C ASN D 77 -12.39 -26.92 23.60
N GLY D 78 -11.09 -26.85 23.83
CA GLY D 78 -10.37 -27.83 24.64
C GLY D 78 -8.97 -27.24 24.87
N ASN D 79 -7.97 -28.14 24.91
CA ASN D 79 -6.62 -27.71 25.19
C ASN D 79 -6.06 -26.84 24.09
N ALA D 80 -5.38 -25.74 24.40
CA ALA D 80 -4.88 -24.82 23.39
C ALA D 80 -4.17 -23.68 24.11
N TYR D 81 -3.25 -23.03 23.39
CA TYR D 81 -2.45 -21.96 23.94
C TYR D 81 -2.46 -20.73 23.04
N LEU D 82 -2.49 -19.53 23.62
CA LEU D 82 -2.38 -18.29 22.85
C LEU D 82 -1.08 -17.71 23.39
N CYS D 83 -0.02 -17.63 22.60
CA CYS D 83 1.28 -17.31 23.13
C CYS D 83 2.19 -16.66 22.15
N VAL D 84 3.42 -16.35 22.64
CA VAL D 84 4.49 -15.96 21.71
C VAL D 84 5.35 -17.23 21.75
N TYR D 85 5.71 -17.73 20.61
CA TYR D 85 6.41 -19.02 20.50
C TYR D 85 7.60 -18.87 19.58
N GLY D 86 8.61 -19.69 19.79
CA GLY D 86 9.76 -19.57 18.87
C GLY D 86 10.77 -20.64 19.23
N TRP D 87 11.95 -20.51 18.63
CA TRP D 87 13.06 -21.46 18.68
C TRP D 87 14.42 -20.74 18.82
N THR D 88 15.43 -21.43 19.42
CA THR D 88 16.80 -21.05 19.18
C THR D 88 17.46 -22.34 18.70
N VAL D 89 18.67 -22.28 18.20
CA VAL D 89 19.46 -23.43 17.78
C VAL D 89 20.85 -23.26 18.40
N ASP D 90 21.43 -24.46 18.69
CA ASP D 90 22.71 -24.56 19.37
C ASP D 90 22.82 -23.77 20.65
N PRO D 91 22.12 -24.19 21.73
CA PRO D 91 21.26 -25.34 21.71
C PRO D 91 19.80 -25.13 21.16
N LEU D 92 19.29 -26.28 20.74
CA LEU D 92 17.95 -26.40 20.17
C LEU D 92 16.93 -26.25 21.34
N VAL D 93 16.10 -25.21 21.35
CA VAL D 93 15.16 -24.92 22.42
C VAL D 93 13.89 -24.30 21.75
N ALA D 94 12.73 -24.74 22.19
CA ALA D 94 11.47 -24.25 21.83
C ALA D 94 10.98 -23.44 23.05
N TYR D 95 10.34 -22.33 22.85
CA TYR D 95 9.96 -21.49 24.00
C TYR D 95 8.53 -21.00 23.78
N TYR D 96 7.91 -20.69 24.89
CA TYR D 96 6.49 -20.38 25.14
C TYR D 96 6.32 -19.15 26.04
N ILE D 97 5.61 -18.10 25.62
CA ILE D 97 5.21 -17.03 26.59
C ILE D 97 3.68 -17.00 26.47
N VAL D 98 3.05 -17.77 27.37
CA VAL D 98 1.63 -18.05 27.29
C VAL D 98 0.78 -16.99 27.97
N ASP D 99 -0.12 -16.33 27.27
CA ASP D 99 -1.07 -15.37 27.81
C ASP D 99 -2.46 -15.95 28.06
N SER D 100 -2.93 -16.96 27.35
CA SER D 100 -4.22 -17.56 27.65
C SER D 100 -4.12 -19.05 27.19
N TRP D 101 -5.10 -19.86 27.57
CA TRP D 101 -5.13 -21.30 27.37
C TRP D 101 -6.59 -21.75 27.46
N GLY D 102 -6.82 -22.99 27.00
CA GLY D 102 -8.17 -23.61 26.87
C GLY D 102 -8.43 -24.03 28.33
N ASN D 103 -8.55 -25.36 28.41
CA ASN D 103 -8.89 -25.89 29.75
C ASN D 103 -7.81 -26.30 30.71
N TRP D 104 -6.56 -26.43 30.37
CA TRP D 104 -5.51 -26.79 31.33
C TRP D 104 -4.36 -25.83 31.16
N ARG D 105 -3.98 -25.25 32.33
CA ARG D 105 -2.87 -24.26 32.27
C ARG D 105 -1.61 -25.09 32.09
N PRO D 106 -0.79 -24.78 31.09
CA PRO D 106 0.49 -25.40 30.79
C PRO D 106 1.52 -25.05 31.86
N PRO D 107 2.58 -25.78 31.95
CA PRO D 107 2.85 -27.01 31.25
C PRO D 107 2.87 -28.24 32.14
N GLY D 108 2.31 -28.06 33.37
CA GLY D 108 2.25 -29.17 34.29
C GLY D 108 3.57 -29.53 34.94
N ALA D 109 4.51 -28.66 35.22
CA ALA D 109 5.78 -28.95 35.86
C ALA D 109 5.82 -28.10 37.12
N THR D 110 6.89 -28.09 37.87
CA THR D 110 7.15 -27.30 39.04
C THR D 110 7.84 -26.00 38.59
N PRO D 111 7.32 -24.84 39.00
CA PRO D 111 7.84 -23.55 38.59
C PRO D 111 9.29 -23.37 39.05
N LYS D 112 10.11 -22.66 38.24
CA LYS D 112 11.47 -22.41 38.61
C LYS D 112 11.61 -20.96 39.10
N GLY D 113 10.62 -20.14 38.93
CA GLY D 113 10.67 -18.73 39.38
C GLY D 113 9.53 -17.94 38.74
N THR D 114 9.51 -16.62 38.78
CA THR D 114 8.41 -15.81 38.27
C THR D 114 8.99 -14.54 37.64
N ILE D 115 8.30 -14.03 36.62
CA ILE D 115 8.69 -12.74 36.05
C ILE D 115 7.45 -11.88 36.08
N THR D 116 7.64 -10.70 36.66
CA THR D 116 6.51 -9.74 36.79
C THR D 116 6.62 -8.81 35.61
N VAL D 117 5.75 -8.84 34.58
CA VAL D 117 6.01 -7.94 33.45
C VAL D 117 4.72 -7.73 32.63
N ASP D 118 4.66 -6.63 31.94
CA ASP D 118 3.39 -6.36 31.17
C ASP D 118 2.12 -6.46 31.91
N GLY D 119 2.08 -5.90 33.12
CA GLY D 119 0.86 -5.92 33.96
C GLY D 119 0.57 -7.27 34.55
N GLY D 120 1.36 -8.32 34.35
CA GLY D 120 0.88 -9.57 35.01
C GLY D 120 2.06 -10.21 35.80
N THR D 121 1.80 -11.49 36.14
CA THR D 121 2.80 -12.34 36.78
C THR D 121 2.81 -13.70 36.09
N TYR D 122 4.03 -14.10 35.73
CA TYR D 122 4.17 -15.37 34.97
C TYR D 122 5.01 -16.34 35.78
N ASP D 123 4.66 -17.61 35.76
CA ASP D 123 5.48 -18.62 36.35
C ASP D 123 6.42 -19.14 35.24
N ILE D 124 7.65 -19.42 35.64
CA ILE D 124 8.63 -19.86 34.63
C ILE D 124 8.87 -21.35 34.84
N TYR D 125 8.95 -22.06 33.69
CA TYR D 125 9.10 -23.51 33.78
C TYR D 125 10.09 -24.03 32.72
N GLU D 126 10.68 -25.19 32.94
CA GLU D 126 11.53 -25.81 31.93
C GLU D 126 11.11 -27.28 31.71
N THR D 127 10.64 -27.66 30.54
CA THR D 127 10.31 -29.06 30.33
C THR D 127 11.22 -29.68 29.28
N LEU D 128 10.99 -30.96 28.99
CA LEU D 128 11.86 -31.72 28.10
C LEU D 128 11.03 -32.53 27.11
N ARG D 129 11.40 -32.45 25.85
CA ARG D 129 10.65 -33.24 24.84
C ARG D 129 11.64 -34.31 24.38
N VAL D 130 11.27 -35.58 24.31
CA VAL D 130 12.26 -36.61 23.92
C VAL D 130 11.91 -37.26 22.58
N ASN D 131 12.72 -37.12 21.57
CA ASN D 131 12.51 -37.65 20.27
C ASN D 131 11.13 -37.20 19.75
N GLN D 132 10.90 -35.90 19.67
CA GLN D 132 9.62 -35.38 19.16
C GLN D 132 9.99 -34.57 17.91
N PRO D 133 8.98 -34.12 17.16
CA PRO D 133 9.22 -33.32 15.98
C PRO D 133 9.76 -31.96 16.42
N SER D 134 10.59 -31.39 15.60
CA SER D 134 11.13 -30.08 15.90
C SER D 134 11.52 -29.45 14.59
N ILE D 135 12.08 -28.24 14.65
CA ILE D 135 12.51 -27.53 13.48
C ILE D 135 13.72 -28.22 12.84
N LYS D 136 14.38 -29.12 13.58
CA LYS D 136 15.52 -29.83 13.02
C LYS D 136 15.19 -31.31 12.94
N GLY D 137 13.94 -31.75 12.82
CA GLY D 137 13.66 -33.19 12.77
C GLY D 137 13.35 -33.84 14.13
N ILE D 138 13.30 -35.17 14.18
CA ILE D 138 12.99 -35.90 15.40
C ILE D 138 14.16 -35.70 16.39
N ALA D 139 13.87 -35.01 17.50
CA ALA D 139 14.99 -34.61 18.40
C ALA D 139 14.61 -34.51 19.87
N THR D 140 15.60 -34.37 20.72
CA THR D 140 15.39 -34.19 22.13
C THR D 140 15.87 -32.74 22.43
N PHE D 141 14.99 -32.02 23.12
CA PHE D 141 15.27 -30.60 23.37
C PHE D 141 14.48 -30.16 24.60
N LYS D 142 14.85 -29.05 25.18
CA LYS D 142 14.10 -28.43 26.23
C LYS D 142 13.06 -27.43 25.65
N GLN D 143 12.02 -27.20 26.45
CA GLN D 143 11.06 -26.13 26.20
C GLN D 143 11.12 -25.20 27.42
N TYR D 144 11.14 -23.90 27.10
CA TYR D 144 11.20 -22.87 28.14
C TYR D 144 9.85 -22.16 28.13
N TRP D 145 9.29 -21.97 29.34
CA TRP D 145 7.96 -21.37 29.42
C TRP D 145 7.88 -20.18 30.44
N SER D 146 7.03 -19.25 30.11
CA SER D 146 6.53 -18.17 30.97
C SER D 146 4.97 -18.21 30.74
N VAL D 147 4.32 -18.58 31.83
CA VAL D 147 2.88 -18.76 31.81
C VAL D 147 2.15 -17.79 32.75
N ARG D 148 1.34 -16.89 32.19
CA ARG D 148 0.63 -15.86 32.92
C ARG D 148 -0.23 -16.51 34.00
N ARG D 149 -0.40 -15.95 35.14
CA ARG D 149 -1.19 -16.52 36.23
C ARG D 149 -2.67 -16.29 35.98
N SER D 150 -3.02 -15.28 35.21
CA SER D 150 -4.43 -15.19 34.81
C SER D 150 -4.50 -14.92 33.30
N LYS D 151 -5.55 -15.45 32.67
CA LYS D 151 -5.64 -15.36 31.20
C LYS D 151 -5.81 -13.94 30.66
N ARG D 152 -5.23 -13.65 29.51
CA ARG D 152 -5.66 -12.40 28.84
C ARG D 152 -5.57 -12.74 27.35
N THR D 153 -6.18 -11.96 26.48
CA THR D 153 -6.10 -12.18 25.06
C THR D 153 -5.77 -10.91 24.28
N SER D 154 -5.12 -9.92 24.93
CA SER D 154 -4.54 -8.81 24.18
C SER D 154 -3.62 -8.02 25.10
N GLY D 155 -2.71 -7.29 24.50
CA GLY D 155 -1.78 -6.43 25.14
C GLY D 155 -0.44 -6.48 24.44
N THR D 156 0.59 -6.15 25.22
CA THR D 156 1.96 -6.17 24.74
C THR D 156 2.70 -7.30 25.47
N ILE D 157 3.50 -8.04 24.67
CA ILE D 157 4.36 -9.06 25.31
C ILE D 157 5.81 -8.63 25.11
N SER D 158 6.45 -8.13 26.23
CA SER D 158 7.84 -7.72 26.08
C SER D 158 8.75 -8.95 26.04
N VAL D 159 8.93 -9.54 24.86
CA VAL D 159 9.67 -10.80 24.66
C VAL D 159 11.06 -10.84 25.29
N SER D 160 11.92 -9.86 24.96
CA SER D 160 13.29 -9.88 25.47
C SER D 160 13.35 -9.88 27.00
N ASN D 161 12.40 -9.34 27.74
CA ASN D 161 12.29 -9.41 29.18
C ASN D 161 12.21 -10.89 29.56
N HIS D 162 11.29 -11.67 28.95
CA HIS D 162 11.24 -13.08 29.35
C HIS D 162 12.55 -13.79 29.12
N PHE D 163 13.17 -13.57 27.94
CA PHE D 163 14.41 -14.22 27.62
C PHE D 163 15.47 -13.93 28.72
N ARG D 164 15.67 -12.64 29.06
CA ARG D 164 16.64 -12.32 30.14
C ARG D 164 16.32 -12.98 31.46
N ALA D 165 15.04 -13.14 31.80
CA ALA D 165 14.70 -13.76 33.10
C ALA D 165 15.02 -15.26 32.99
N TRP D 166 14.73 -15.85 31.81
CA TRP D 166 15.11 -17.23 31.64
C TRP D 166 16.62 -17.41 31.84
N GLU D 167 17.40 -16.53 31.23
CA GLU D 167 18.86 -16.60 31.25
C GLU D 167 19.31 -16.40 32.69
N ASN D 168 18.67 -15.44 33.37
CA ASN D 168 18.99 -15.18 34.78
C ASN D 168 18.78 -16.44 35.62
N LEU D 169 17.78 -17.29 35.33
CA LEU D 169 17.65 -18.55 36.07
C LEU D 169 18.63 -19.60 35.55
N GLY D 170 19.52 -19.30 34.60
CA GLY D 170 20.41 -20.32 34.08
C GLY D 170 19.96 -21.03 32.79
N MET D 171 18.76 -20.74 32.26
CA MET D 171 18.29 -21.51 31.10
C MET D 171 19.04 -20.93 29.90
N ASN D 172 19.79 -21.79 29.20
CA ASN D 172 20.64 -21.37 28.11
C ASN D 172 19.86 -21.13 26.81
N MET D 173 20.17 -20.08 26.09
CA MET D 173 19.50 -19.80 24.80
C MET D 173 20.50 -19.78 23.64
N GLY D 174 20.16 -20.35 22.50
CA GLY D 174 21.14 -20.30 21.41
C GLY D 174 20.93 -19.09 20.48
N LYS D 175 21.26 -19.32 19.21
CA LYS D 175 21.04 -18.39 18.14
C LYS D 175 19.53 -18.39 17.76
N MET D 176 18.99 -17.25 17.52
CA MET D 176 17.60 -17.12 17.15
C MET D 176 17.26 -17.80 15.83
N TYR D 177 16.20 -18.59 15.86
CA TYR D 177 15.57 -19.18 14.68
C TYR D 177 14.22 -18.49 14.39
N GLU D 178 13.46 -18.15 15.43
CA GLU D 178 12.12 -17.56 15.28
C GLU D 178 11.49 -16.98 16.54
N VAL D 179 10.66 -15.95 16.38
CA VAL D 179 9.80 -15.36 17.36
C VAL D 179 8.44 -15.08 16.72
N ALA D 180 7.33 -15.58 17.25
CA ALA D 180 6.03 -15.39 16.58
C ALA D 180 4.82 -15.54 17.46
N LEU D 181 3.82 -14.72 17.24
CA LEU D 181 2.52 -14.79 17.91
C LEU D 181 1.88 -16.09 17.36
N THR D 182 1.50 -17.00 18.23
CA THR D 182 1.15 -18.38 17.88
C THR D 182 -0.19 -18.83 18.49
N VAL D 183 -0.90 -19.68 17.71
CA VAL D 183 -2.07 -20.36 18.32
C VAL D 183 -1.76 -21.86 18.27
N GLU D 184 -1.76 -22.57 19.35
CA GLU D 184 -1.55 -24.01 19.32
C GLU D 184 -2.77 -24.78 19.84
N GLY D 185 -3.21 -25.84 19.22
CA GLY D 185 -4.32 -26.67 19.70
C GLY D 185 -3.73 -28.08 20.00
N TYR D 186 -4.23 -28.69 21.07
CA TYR D 186 -3.77 -30.07 21.40
C TYR D 186 -4.98 -30.97 21.67
N GLN D 187 -5.17 -31.98 20.85
CA GLN D 187 -6.25 -32.98 20.99
C GLN D 187 -7.60 -32.28 21.23
N SER D 188 -7.99 -31.38 20.32
CA SER D 188 -9.18 -30.58 20.57
C SER D 188 -9.58 -29.88 19.31
N SER D 189 -10.62 -29.08 19.37
CA SER D 189 -11.06 -28.25 18.26
C SER D 189 -11.15 -26.82 18.80
N GLY D 190 -11.24 -25.81 17.94
CA GLY D 190 -11.36 -24.43 18.30
C GLY D 190 -11.22 -23.48 17.10
N SER D 191 -11.25 -22.19 17.47
CA SER D 191 -10.94 -21.15 16.51
C SER D 191 -10.33 -19.99 17.26
N ALA D 192 -9.66 -19.11 16.48
CA ALA D 192 -9.06 -17.94 17.04
C ALA D 192 -9.01 -16.93 15.90
N ASN D 193 -9.22 -15.67 16.21
CA ASN D 193 -8.96 -14.65 15.18
C ASN D 193 -7.90 -13.71 15.74
N VAL D 194 -6.72 -13.71 15.15
CA VAL D 194 -5.66 -12.84 15.66
C VAL D 194 -5.86 -11.52 14.91
N TYR D 195 -6.59 -10.56 15.43
CA TYR D 195 -6.87 -9.29 14.74
C TYR D 195 -5.77 -8.25 14.84
N SER D 196 -4.78 -8.50 15.75
CA SER D 196 -3.69 -7.52 15.85
C SER D 196 -2.42 -8.26 16.18
N ASN D 197 -1.27 -7.97 15.64
CA ASN D 197 -0.03 -8.68 15.89
C ASN D 197 1.05 -7.92 15.13
N THR D 198 1.82 -7.13 15.85
CA THR D 198 2.89 -6.30 15.34
C THR D 198 4.13 -6.57 16.21
N LEU D 199 5.12 -7.13 15.54
CA LEU D 199 6.40 -7.44 16.13
C LEU D 199 7.34 -6.26 15.85
N ARG D 200 7.90 -5.69 16.92
CA ARG D 200 8.83 -4.59 16.79
C ARG D 200 10.20 -5.11 17.22
N ILE D 201 11.21 -4.70 16.51
CA ILE D 201 12.57 -5.12 16.79
C ILE D 201 13.36 -3.83 17.03
N ASN D 202 13.79 -3.56 18.28
CA ASN D 202 14.42 -2.28 18.47
C ASN D 202 13.43 -1.15 18.22
N GLY D 203 12.17 -1.29 18.60
CA GLY D 203 11.15 -0.26 18.39
C GLY D 203 10.68 -0.18 16.96
N ASN D 204 11.21 -0.89 15.97
CA ASN D 204 10.72 -0.80 14.60
C ASN D 204 9.83 -1.96 14.21
N PRO D 205 8.61 -1.68 13.77
CA PRO D 205 7.69 -2.71 13.36
C PRO D 205 8.26 -3.36 12.10
N LEU D 206 7.99 -4.65 11.96
CA LEU D 206 8.39 -5.38 10.80
C LEU D 206 7.66 -4.82 9.60
N SER D 207 8.48 -4.39 8.63
CA SER D 207 7.90 -3.74 7.46
C SER D 207 6.95 -4.67 6.73
N THR D 208 5.90 -4.10 6.14
CA THR D 208 4.87 -4.83 5.41
C THR D 208 4.64 -4.17 4.06
#